data_1BOU
#
_entry.id   1BOU
#
_cell.length_a   65.400
_cell.length_b   66.500
_cell.length_c   119.800
_cell.angle_alpha   90.00
_cell.angle_beta   92.50
_cell.angle_gamma   90.00
#
_symmetry.space_group_name_H-M   'P 1 21 1'
#
loop_
_entity.id
_entity.type
_entity.pdbx_description
1 polymer '4,5-DIOXYGENASE ALPHA CHAIN'
2 polymer '4,5-DIOXYGENASE BETA CHAIN'
3 non-polymer 'FE (III) ION'
4 water water
#
loop_
_entity_poly.entity_id
_entity_poly.type
_entity_poly.pdbx_seq_one_letter_code
_entity_poly.pdbx_strand_id
1 'polypeptide(L)'
;MTEKKERIDVHAYLAEFDDIPGTRVFTAQRARKGYNLNQFAMSLMKAENRERFKADESAYLDEWNLTPAAKAAVLARDYN
AMIDEGGNVYFLSKLFSTDGKSFQFAAGSMTGMTQEEYAQMMIDGGRSPAGVRSIKGGY
;
A,C
2 'polypeptide(L)'
;MARVTTGITSSHIPALGAAIQTGTSDNDYWGPVFKGYQPIRDWIKQPGNMPDVVILVYNDHASAFDMNIIPTFAIGCAET
FKPADEGWGPRPVPDVKGHPDLAWHIAQSLILDEFDMTIMNQMDVDHGCTVPLSMIFGEPEEWPCKVIPFPVNVVTYPPP
SGKRCFALGDSIRAAVESFPEDLNVHVWGTGGMSHQLQGPRAGLINKEFDLNFIDKLISDPEELSKMPHIQYLRESGSEG
VELVMWLIMRGALPEKVRDLYTFYHIPASNTALGAMILQPEETAGTPLEPRKVMSGHSLAQA
;
B,D
#
# COMPACT_ATOMS: atom_id res chain seq x y z
N ILE A 8 -10.00 -19.29 3.17
CA ILE A 8 -8.64 -19.91 3.04
C ILE A 8 -8.44 -20.45 1.61
N ASP A 9 -9.45 -21.15 1.08
CA ASP A 9 -9.35 -21.69 -0.27
C ASP A 9 -9.70 -20.60 -1.29
N VAL A 10 -8.68 -19.87 -1.74
CA VAL A 10 -8.88 -18.78 -2.69
C VAL A 10 -9.82 -19.18 -3.84
N HIS A 11 -9.76 -20.44 -4.25
CA HIS A 11 -10.60 -20.95 -5.33
C HIS A 11 -12.05 -21.06 -4.90
N ALA A 12 -12.27 -21.58 -3.70
CA ALA A 12 -13.60 -21.73 -3.17
C ALA A 12 -14.23 -20.34 -3.01
N TYR A 13 -13.43 -19.40 -2.50
CA TYR A 13 -13.87 -18.02 -2.29
C TYR A 13 -14.41 -17.37 -3.57
N LEU A 14 -13.65 -17.45 -4.65
CA LEU A 14 -14.06 -16.86 -5.92
C LEU A 14 -15.19 -17.64 -6.61
N ALA A 15 -15.20 -18.95 -6.44
CA ALA A 15 -16.21 -19.79 -7.08
C ALA A 15 -17.66 -19.43 -6.78
N GLU A 16 -17.96 -19.05 -5.53
CA GLU A 16 -19.34 -18.70 -5.18
C GLU A 16 -19.81 -17.39 -5.79
N PHE A 17 -18.87 -16.53 -6.18
CA PHE A 17 -19.23 -15.26 -6.79
C PHE A 17 -19.98 -15.56 -8.08
N ASP A 18 -19.77 -16.76 -8.61
CA ASP A 18 -20.39 -17.22 -9.85
C ASP A 18 -21.89 -17.51 -9.74
N ASP A 19 -22.36 -17.85 -8.53
CA ASP A 19 -23.76 -18.16 -8.32
C ASP A 19 -24.69 -16.97 -8.11
N ILE A 20 -24.15 -15.74 -8.11
CA ILE A 20 -25.00 -14.57 -7.94
C ILE A 20 -25.53 -14.07 -9.28
N PRO A 21 -26.85 -14.08 -9.45
CA PRO A 21 -27.47 -13.61 -10.70
C PRO A 21 -27.26 -12.13 -11.04
N GLY A 22 -27.14 -11.86 -12.35
CA GLY A 22 -26.96 -10.50 -12.85
C GLY A 22 -25.85 -9.69 -12.22
N THR A 23 -24.84 -10.39 -11.68
CA THR A 23 -23.73 -9.74 -11.02
C THR A 23 -22.39 -10.28 -11.46
N ARG A 24 -21.48 -9.36 -11.79
CA ARG A 24 -20.14 -9.70 -12.22
C ARG A 24 -19.19 -9.01 -11.23
N VAL A 25 -18.75 -9.77 -10.21
CA VAL A 25 -17.86 -9.25 -9.17
C VAL A 25 -16.46 -8.94 -9.72
N PHE A 26 -15.94 -7.78 -9.37
CA PHE A 26 -14.62 -7.38 -9.87
C PHE A 26 -13.47 -8.17 -9.27
N THR A 27 -13.28 -9.39 -9.75
CA THR A 27 -12.20 -10.24 -9.28
C THR A 27 -10.92 -9.95 -10.07
N ALA A 28 -9.81 -10.54 -9.62
CA ALA A 28 -8.51 -10.36 -10.28
C ALA A 28 -8.58 -10.69 -11.77
N GLN A 29 -9.36 -11.70 -12.11
CA GLN A 29 -9.53 -12.15 -13.48
C GLN A 29 -10.11 -11.03 -14.34
N ARG A 30 -11.16 -10.38 -13.86
CA ARG A 30 -11.77 -9.29 -14.61
C ARG A 30 -10.86 -8.06 -14.63
N ALA A 31 -10.18 -7.79 -13.51
CA ALA A 31 -9.30 -6.64 -13.41
C ALA A 31 -8.17 -6.72 -14.43
N ARG A 32 -7.62 -7.92 -14.63
CA ARG A 32 -6.54 -8.10 -15.58
C ARG A 32 -7.04 -7.94 -17.00
N LYS A 33 -8.22 -8.46 -17.27
CA LYS A 33 -8.79 -8.35 -18.60
C LYS A 33 -9.20 -6.93 -18.96
N GLY A 34 -9.66 -6.16 -17.98
CA GLY A 34 -10.10 -4.81 -18.29
C GLY A 34 -9.14 -3.69 -17.94
N TYR A 35 -7.86 -4.02 -17.76
CA TYR A 35 -6.86 -3.03 -17.39
C TYR A 35 -6.74 -1.83 -18.33
N ASN A 36 -6.76 -2.06 -19.64
CA ASN A 36 -6.65 -0.95 -20.60
C ASN A 36 -7.91 -0.09 -20.64
N LEU A 37 -9.06 -0.75 -20.53
CA LEU A 37 -10.34 -0.06 -20.55
C LEU A 37 -10.52 0.83 -19.31
N ASN A 38 -10.11 0.32 -18.15
CA ASN A 38 -10.23 1.07 -16.90
C ASN A 38 -9.21 2.19 -16.83
N GLN A 39 -8.02 1.98 -17.39
CA GLN A 39 -6.99 3.01 -17.36
C GLN A 39 -7.37 4.11 -18.34
N PHE A 40 -8.13 3.75 -19.38
CA PHE A 40 -8.59 4.72 -20.37
C PHE A 40 -9.61 5.63 -19.67
N ALA A 41 -10.56 5.02 -18.99
CA ALA A 41 -11.60 5.76 -18.28
C ALA A 41 -10.96 6.71 -17.27
N MET A 42 -9.92 6.22 -16.57
CA MET A 42 -9.20 7.03 -15.59
C MET A 42 -8.70 8.34 -16.20
N SER A 43 -8.20 8.27 -17.43
CA SER A 43 -7.66 9.43 -18.11
C SER A 43 -8.68 10.56 -18.30
N LEU A 44 -9.96 10.25 -18.18
CA LEU A 44 -10.98 11.28 -18.37
C LEU A 44 -11.09 12.22 -17.17
N MET A 45 -10.23 12.01 -16.17
CA MET A 45 -10.24 12.83 -14.98
C MET A 45 -9.60 14.18 -15.28
N LYS A 46 -8.69 14.21 -16.24
CA LYS A 46 -8.02 15.44 -16.66
C LYS A 46 -8.90 16.09 -17.72
N ALA A 47 -9.31 17.33 -17.48
CA ALA A 47 -10.16 18.06 -18.41
C ALA A 47 -9.67 18.01 -19.84
N GLU A 48 -8.37 18.17 -20.03
CA GLU A 48 -7.77 18.14 -21.36
C GLU A 48 -8.12 16.88 -22.12
N ASN A 49 -8.01 15.74 -21.44
CA ASN A 49 -8.32 14.46 -22.07
C ASN A 49 -9.80 14.37 -22.38
N ARG A 50 -10.62 14.81 -21.43
CA ARG A 50 -12.06 14.79 -21.59
C ARG A 50 -12.46 15.48 -22.90
N GLU A 51 -11.92 16.68 -23.10
CA GLU A 51 -12.23 17.46 -24.30
C GLU A 51 -11.72 16.84 -25.58
N ARG A 52 -10.51 16.28 -25.55
CA ARG A 52 -9.98 15.65 -26.75
C ARG A 52 -10.83 14.44 -27.12
N PHE A 53 -11.06 13.57 -26.14
CA PHE A 53 -11.86 12.37 -26.36
C PHE A 53 -13.20 12.74 -26.98
N LYS A 54 -13.84 13.74 -26.40
CA LYS A 54 -15.14 14.20 -26.88
C LYS A 54 -15.08 14.72 -28.32
N ALA A 55 -13.93 15.27 -28.69
CA ALA A 55 -13.74 15.81 -30.04
C ALA A 55 -13.69 14.69 -31.08
N ASP A 56 -13.07 13.58 -30.72
CA ASP A 56 -12.97 12.42 -31.61
C ASP A 56 -12.73 11.20 -30.73
N GLU A 57 -13.82 10.58 -30.32
CA GLU A 57 -13.74 9.41 -29.44
C GLU A 57 -12.95 8.27 -30.05
N SER A 58 -13.30 7.91 -31.27
CA SER A 58 -12.62 6.81 -31.96
C SER A 58 -11.11 6.99 -32.02
N ALA A 59 -10.66 8.19 -32.35
CA ALA A 59 -9.23 8.47 -32.45
C ALA A 59 -8.59 8.40 -31.08
N TYR A 60 -9.32 8.85 -30.07
CA TYR A 60 -8.83 8.85 -28.70
C TYR A 60 -8.71 7.42 -28.18
N LEU A 61 -9.76 6.64 -28.38
CA LEU A 61 -9.79 5.27 -27.93
C LEU A 61 -8.66 4.44 -28.53
N ASP A 62 -8.30 4.73 -29.77
CA ASP A 62 -7.24 4.00 -30.47
C ASP A 62 -5.89 4.09 -29.79
N GLU A 63 -5.71 5.10 -28.93
CA GLU A 63 -4.44 5.26 -28.24
C GLU A 63 -4.38 4.37 -27.00
N TRP A 64 -5.48 3.69 -26.70
CA TRP A 64 -5.52 2.84 -25.53
C TRP A 64 -5.45 1.34 -25.75
N ASN A 65 -5.24 0.95 -27.00
CA ASN A 65 -5.13 -0.47 -27.32
C ASN A 65 -6.18 -1.35 -26.68
N LEU A 66 -7.45 -1.00 -26.86
CA LEU A 66 -8.55 -1.76 -26.32
C LEU A 66 -8.87 -2.86 -27.33
N THR A 67 -9.59 -3.87 -26.90
CA THR A 67 -9.98 -4.93 -27.82
C THR A 67 -11.10 -4.32 -28.65
N PRO A 68 -11.34 -4.84 -29.86
CA PRO A 68 -12.42 -4.27 -30.67
C PRO A 68 -13.75 -4.32 -29.93
N ALA A 69 -13.91 -5.32 -29.08
CA ALA A 69 -15.13 -5.49 -28.31
C ALA A 69 -15.23 -4.39 -27.25
N ALA A 70 -14.11 -4.09 -26.60
CA ALA A 70 -14.07 -3.05 -25.57
C ALA A 70 -14.27 -1.65 -26.19
N LYS A 71 -13.68 -1.43 -27.35
CA LYS A 71 -13.80 -0.15 -28.02
C LYS A 71 -15.22 0.08 -28.52
N ALA A 72 -15.83 -0.96 -29.08
CA ALA A 72 -17.19 -0.86 -29.61
C ALA A 72 -18.19 -0.64 -28.49
N ALA A 73 -17.89 -1.19 -27.32
CA ALA A 73 -18.74 -1.05 -26.16
C ALA A 73 -18.72 0.40 -25.71
N VAL A 74 -17.52 0.99 -25.70
CA VAL A 74 -17.39 2.39 -25.28
C VAL A 74 -18.10 3.30 -26.24
N LEU A 75 -17.85 3.12 -27.54
CA LEU A 75 -18.48 3.93 -28.57
C LEU A 75 -20.00 3.81 -28.54
N ALA A 76 -20.51 2.66 -28.12
CA ALA A 76 -21.94 2.46 -28.07
C ALA A 76 -22.50 2.82 -26.69
N ARG A 77 -21.61 3.13 -25.75
CA ARG A 77 -22.02 3.46 -24.39
C ARG A 77 -22.84 2.30 -23.82
N ASP A 78 -22.36 1.08 -24.06
CA ASP A 78 -23.01 -0.13 -23.58
C ASP A 78 -22.28 -0.56 -22.32
N TYR A 79 -22.78 -0.14 -21.16
CA TYR A 79 -22.13 -0.46 -19.91
C TYR A 79 -22.07 -1.93 -19.54
N ASN A 80 -23.11 -2.68 -19.87
CA ASN A 80 -23.09 -4.09 -19.55
C ASN A 80 -21.97 -4.74 -20.36
N ALA A 81 -21.84 -4.33 -21.62
CA ALA A 81 -20.79 -4.88 -22.48
C ALA A 81 -19.42 -4.49 -21.95
N MET A 82 -19.31 -3.24 -21.51
CA MET A 82 -18.06 -2.73 -20.98
C MET A 82 -17.61 -3.52 -19.75
N ILE A 83 -18.58 -3.89 -18.91
CA ILE A 83 -18.26 -4.64 -17.70
C ILE A 83 -17.83 -6.06 -18.10
N ASP A 84 -18.41 -6.56 -19.19
CA ASP A 84 -18.07 -7.89 -19.69
C ASP A 84 -16.61 -7.91 -20.16
N GLU A 85 -16.13 -6.77 -20.64
CA GLU A 85 -14.75 -6.66 -21.11
C GLU A 85 -13.79 -6.28 -19.98
N GLY A 86 -14.26 -6.43 -18.74
CA GLY A 86 -13.40 -6.14 -17.59
C GLY A 86 -13.50 -4.75 -17.00
N GLY A 87 -14.45 -3.95 -17.46
CA GLY A 87 -14.61 -2.62 -16.94
C GLY A 87 -15.19 -2.67 -15.55
N ASN A 88 -14.79 -1.73 -14.69
CA ASN A 88 -15.31 -1.65 -13.33
C ASN A 88 -16.17 -0.40 -13.25
N VAL A 89 -17.33 -0.52 -12.61
CA VAL A 89 -18.26 0.57 -12.47
C VAL A 89 -17.67 1.90 -11.95
N TYR A 90 -16.75 1.87 -10.99
CA TYR A 90 -16.18 3.11 -10.46
C TYR A 90 -15.17 3.78 -11.39
N PHE A 91 -14.52 2.99 -12.23
CA PHE A 91 -13.56 3.54 -13.20
C PHE A 91 -14.40 4.11 -14.33
N LEU A 92 -15.41 3.36 -14.74
CA LEU A 92 -16.31 3.76 -15.83
C LEU A 92 -17.18 4.98 -15.50
N SER A 93 -17.27 5.35 -14.23
CA SER A 93 -18.06 6.51 -13.82
C SER A 93 -17.45 7.77 -14.41
N LYS A 94 -16.16 7.69 -14.71
CA LYS A 94 -15.44 8.81 -15.30
C LYS A 94 -16.02 9.06 -16.69
N LEU A 95 -16.39 7.97 -17.38
CA LEU A 95 -16.94 8.08 -18.72
C LEU A 95 -18.35 8.65 -18.71
N PHE A 96 -19.27 8.10 -17.93
CA PHE A 96 -20.60 8.70 -17.96
C PHE A 96 -20.64 10.07 -17.29
N SER A 97 -19.67 10.37 -16.43
CA SER A 97 -19.61 11.69 -15.82
C SER A 97 -19.15 12.67 -16.91
N THR A 98 -18.32 12.18 -17.82
CA THR A 98 -17.83 12.98 -18.94
C THR A 98 -19.01 13.33 -19.85
N ASP A 99 -19.97 12.42 -19.93
CA ASP A 99 -21.17 12.61 -20.74
C ASP A 99 -22.25 13.41 -20.04
N GLY A 100 -22.04 13.66 -18.75
CA GLY A 100 -23.01 14.41 -17.97
C GLY A 100 -24.15 13.55 -17.47
N LYS A 101 -23.91 12.26 -17.28
CA LYS A 101 -24.94 11.37 -16.77
C LYS A 101 -24.66 11.00 -15.32
N SER A 102 -25.74 10.80 -14.57
CA SER A 102 -25.67 10.43 -13.15
C SER A 102 -25.40 8.93 -12.99
N PHE A 103 -25.13 8.51 -11.75
CA PHE A 103 -24.88 7.10 -11.46
C PHE A 103 -26.21 6.33 -11.63
N GLN A 104 -27.32 6.99 -11.37
CA GLN A 104 -28.62 6.34 -11.50
C GLN A 104 -28.96 6.08 -12.96
N PHE A 105 -28.49 6.94 -13.85
CA PHE A 105 -28.75 6.76 -15.26
C PHE A 105 -27.96 5.55 -15.73
N ALA A 106 -26.68 5.49 -15.35
CA ALA A 106 -25.84 4.38 -15.75
C ALA A 106 -26.41 3.05 -15.24
N ALA A 107 -26.75 2.99 -13.96
CA ALA A 107 -27.30 1.77 -13.38
C ALA A 107 -28.59 1.36 -14.09
N GLY A 108 -29.51 2.30 -14.24
CA GLY A 108 -30.76 2.00 -14.90
C GLY A 108 -30.56 1.51 -16.32
N SER A 109 -29.59 2.07 -17.02
CA SER A 109 -29.32 1.67 -18.41
C SER A 109 -28.90 0.20 -18.56
N MET A 110 -28.43 -0.41 -17.47
CA MET A 110 -27.99 -1.80 -17.51
C MET A 110 -29.07 -2.81 -17.12
N THR A 111 -30.25 -2.32 -16.79
CA THR A 111 -31.35 -3.18 -16.36
C THR A 111 -32.39 -3.50 -17.41
N GLY A 112 -32.35 -2.79 -18.52
CA GLY A 112 -33.33 -3.03 -19.56
C GLY A 112 -34.63 -2.24 -19.41
N MET A 113 -34.82 -1.63 -18.25
CA MET A 113 -36.03 -0.83 -18.02
C MET A 113 -35.76 0.54 -18.61
N THR A 114 -36.81 1.33 -18.80
CA THR A 114 -36.63 2.69 -19.32
C THR A 114 -36.16 3.52 -18.14
N GLN A 115 -35.46 4.60 -18.40
CA GLN A 115 -34.97 5.40 -17.30
C GLN A 115 -36.09 5.68 -16.30
N GLU A 116 -37.27 5.99 -16.82
CA GLU A 116 -38.42 6.31 -15.97
C GLU A 116 -38.92 5.15 -15.11
N GLU A 117 -38.97 3.95 -15.70
CA GLU A 117 -39.42 2.78 -14.95
C GLU A 117 -38.45 2.48 -13.82
N TYR A 118 -37.15 2.65 -14.09
CA TYR A 118 -36.13 2.39 -13.09
C TYR A 118 -36.26 3.38 -11.93
N ALA A 119 -36.52 4.63 -12.27
CA ALA A 119 -36.65 5.66 -11.25
C ALA A 119 -37.86 5.40 -10.35
N GLN A 120 -38.98 5.03 -10.98
CA GLN A 120 -40.20 4.76 -10.24
C GLN A 120 -40.00 3.55 -9.32
N MET A 121 -39.29 2.56 -9.83
CA MET A 121 -39.00 1.35 -9.08
C MET A 121 -38.23 1.67 -7.81
N MET A 122 -37.24 2.56 -7.93
CA MET A 122 -36.41 2.94 -6.80
C MET A 122 -37.28 3.65 -5.76
N ILE A 123 -38.13 4.55 -6.24
CA ILE A 123 -39.04 5.30 -5.37
C ILE A 123 -39.91 4.31 -4.59
N ASP A 124 -40.42 3.31 -5.29
CA ASP A 124 -41.26 2.29 -4.69
C ASP A 124 -40.51 1.38 -3.72
N GLY A 125 -39.19 1.52 -3.66
CA GLY A 125 -38.43 0.68 -2.75
C GLY A 125 -37.27 -0.08 -3.38
N GLY A 126 -37.12 0.05 -4.69
CA GLY A 126 -36.03 -0.63 -5.38
C GLY A 126 -36.33 -2.06 -5.78
N ARG A 127 -35.35 -2.74 -6.34
CA ARG A 127 -35.51 -4.13 -6.76
C ARG A 127 -35.41 -5.04 -5.55
N SER A 128 -36.39 -5.92 -5.41
CA SER A 128 -36.41 -6.85 -4.29
C SER A 128 -35.41 -7.99 -4.50
N PRO A 129 -34.76 -8.44 -3.42
CA PRO A 129 -33.78 -9.53 -3.53
C PRO A 129 -34.43 -10.89 -3.82
N ALA A 130 -35.75 -10.96 -3.66
CA ALA A 130 -36.48 -12.20 -3.87
C ALA A 130 -36.27 -12.78 -5.27
N GLY A 131 -35.71 -13.99 -5.31
CA GLY A 131 -35.48 -14.66 -6.58
C GLY A 131 -34.19 -14.31 -7.29
N VAL A 132 -33.41 -13.37 -6.76
CA VAL A 132 -32.17 -12.97 -7.41
C VAL A 132 -30.92 -13.10 -6.54
N ARG A 133 -30.93 -14.06 -5.62
CA ARG A 133 -29.77 -14.24 -4.74
C ARG A 133 -28.93 -15.42 -5.19
N SER A 134 -29.60 -16.46 -5.73
CA SER A 134 -28.89 -17.66 -6.16
C SER A 134 -29.41 -18.19 -7.50
N ILE A 135 -28.48 -18.47 -8.40
CA ILE A 135 -28.82 -19.00 -9.72
C ILE A 135 -29.26 -20.46 -9.60
N LYS A 136 -28.46 -21.25 -8.88
CA LYS A 136 -28.76 -22.66 -8.69
C LYS A 136 -29.95 -22.84 -7.76
N GLY A 137 -30.06 -21.96 -6.76
CA GLY A 137 -31.15 -22.05 -5.82
C GLY A 137 -32.46 -21.51 -6.38
N GLY A 138 -32.37 -20.48 -7.23
CA GLY A 138 -33.57 -19.92 -7.82
C GLY A 138 -34.31 -19.03 -6.85
N TYR A 139 -33.66 -18.67 -5.75
CA TYR A 139 -34.28 -17.81 -4.76
C TYR A 139 -33.50 -16.50 -4.69
N ALA B 2 -6.38 12.26 21.33
CA ALA B 2 -6.22 11.55 22.64
C ALA B 2 -7.50 10.84 23.04
N ARG B 3 -8.60 11.13 22.35
CA ARG B 3 -9.87 10.48 22.68
C ARG B 3 -10.87 10.35 21.53
N VAL B 4 -11.36 9.13 21.29
CA VAL B 4 -12.37 8.86 20.27
C VAL B 4 -13.73 8.92 20.97
N THR B 5 -14.35 10.10 20.94
CA THR B 5 -15.61 10.36 21.61
C THR B 5 -16.87 9.86 20.92
N THR B 6 -16.87 9.83 19.60
CA THR B 6 -18.08 9.38 18.93
C THR B 6 -17.82 8.74 17.58
N GLY B 7 -18.75 7.88 17.19
CA GLY B 7 -18.66 7.21 15.92
C GLY B 7 -19.86 7.61 15.12
N ILE B 8 -19.64 7.98 13.86
CA ILE B 8 -20.73 8.38 12.99
C ILE B 8 -20.61 7.62 11.67
N THR B 9 -21.74 7.21 11.12
CA THR B 9 -21.76 6.55 9.81
C THR B 9 -22.59 7.44 8.91
N SER B 10 -22.33 7.39 7.61
CA SER B 10 -23.05 8.22 6.68
C SER B 10 -22.83 7.77 5.26
N SER B 11 -23.78 8.11 4.39
CA SER B 11 -23.68 7.76 2.98
C SER B 11 -22.71 8.77 2.37
N HIS B 12 -22.17 8.48 1.20
CA HIS B 12 -21.27 9.41 0.54
C HIS B 12 -21.45 9.40 -0.97
N ILE B 13 -22.62 8.95 -1.42
CA ILE B 13 -22.88 8.88 -2.86
C ILE B 13 -22.76 10.26 -3.48
N PRO B 14 -22.27 10.33 -4.73
CA PRO B 14 -22.09 11.59 -5.45
C PRO B 14 -23.38 12.38 -5.64
N ALA B 15 -24.50 11.70 -5.86
CA ALA B 15 -25.77 12.38 -6.09
C ALA B 15 -26.15 13.40 -5.02
N LEU B 16 -25.64 13.24 -3.80
CA LEU B 16 -25.96 14.16 -2.71
C LEU B 16 -25.18 15.47 -2.86
N GLY B 17 -23.93 15.37 -3.31
CA GLY B 17 -23.11 16.55 -3.50
C GLY B 17 -23.67 17.37 -4.66
N ALA B 18 -24.24 16.67 -5.64
CA ALA B 18 -24.84 17.31 -6.81
C ALA B 18 -26.14 18.03 -6.45
N ALA B 19 -26.94 17.44 -5.56
CA ALA B 19 -28.18 18.08 -5.16
C ALA B 19 -27.81 19.43 -4.57
N ILE B 20 -26.79 19.44 -3.73
CA ILE B 20 -26.33 20.67 -3.08
C ILE B 20 -25.82 21.65 -4.14
N GLN B 21 -24.90 21.20 -4.97
CA GLN B 21 -24.32 22.00 -6.03
C GLN B 21 -25.35 22.71 -6.90
N THR B 22 -26.34 21.95 -7.36
CA THR B 22 -27.39 22.47 -8.22
C THR B 22 -28.56 23.08 -7.45
N GLY B 23 -28.37 23.30 -6.16
CA GLY B 23 -29.41 23.90 -5.34
C GLY B 23 -30.78 23.23 -5.33
N THR B 24 -30.79 21.90 -5.46
CA THR B 24 -32.04 21.15 -5.46
C THR B 24 -32.17 20.28 -4.21
N SER B 25 -31.26 20.47 -3.27
CA SER B 25 -31.27 19.69 -2.04
C SER B 25 -32.59 19.82 -1.28
N ASP B 26 -33.41 20.79 -1.65
CA ASP B 26 -34.68 20.98 -0.96
C ASP B 26 -35.93 20.62 -1.76
N ASN B 27 -35.75 19.94 -2.89
CA ASN B 27 -36.91 19.56 -3.70
C ASN B 27 -37.65 18.36 -3.10
N ASP B 28 -38.66 17.88 -3.80
CA ASP B 28 -39.48 16.76 -3.35
C ASP B 28 -38.70 15.49 -3.08
N TYR B 29 -37.72 15.21 -3.94
CA TYR B 29 -36.92 14.00 -3.81
C TYR B 29 -35.84 14.06 -2.74
N TRP B 30 -35.02 15.11 -2.77
CA TRP B 30 -33.92 15.27 -1.82
C TRP B 30 -34.29 15.83 -0.45
N GLY B 31 -35.34 16.62 -0.41
CA GLY B 31 -35.75 17.23 0.86
C GLY B 31 -35.80 16.31 2.04
N PRO B 32 -36.49 15.17 1.94
CA PRO B 32 -36.58 14.22 3.06
C PRO B 32 -35.21 13.73 3.50
N VAL B 33 -34.29 13.60 2.54
CA VAL B 33 -32.94 13.13 2.86
C VAL B 33 -32.16 14.17 3.66
N PHE B 34 -32.16 15.42 3.22
CA PHE B 34 -31.42 16.45 3.94
C PHE B 34 -32.04 16.75 5.30
N LYS B 35 -33.36 16.59 5.39
CA LYS B 35 -34.07 16.81 6.64
C LYS B 35 -33.58 15.78 7.65
N GLY B 36 -33.36 14.56 7.18
CA GLY B 36 -32.90 13.49 8.05
C GLY B 36 -31.51 13.71 8.60
N TYR B 37 -30.73 14.56 7.95
CA TYR B 37 -29.38 14.85 8.41
C TYR B 37 -29.38 16.04 9.36
N GLN B 38 -30.45 16.83 9.33
CA GLN B 38 -30.56 18.02 10.18
C GLN B 38 -30.19 17.78 11.65
N PRO B 39 -30.72 16.72 12.27
CA PRO B 39 -30.40 16.44 13.67
C PRO B 39 -28.91 16.24 13.93
N ILE B 40 -28.22 15.64 12.96
CA ILE B 40 -26.80 15.42 13.11
C ILE B 40 -26.12 16.78 13.02
N ARG B 41 -26.58 17.59 12.08
CA ARG B 41 -26.02 18.92 11.87
C ARG B 41 -26.15 19.76 13.13
N ASP B 42 -27.34 19.76 13.72
CA ASP B 42 -27.60 20.55 14.93
C ASP B 42 -26.88 20.00 16.14
N TRP B 43 -26.66 18.69 16.16
CA TRP B 43 -25.99 18.04 17.26
C TRP B 43 -24.49 18.31 17.29
N ILE B 44 -23.84 18.11 16.15
CA ILE B 44 -22.40 18.30 16.03
C ILE B 44 -21.91 19.72 16.30
N LYS B 45 -22.75 20.72 16.02
CA LYS B 45 -22.33 22.10 16.25
C LYS B 45 -22.28 22.45 17.73
N GLN B 46 -23.15 21.84 18.53
CA GLN B 46 -23.19 22.09 19.96
C GLN B 46 -21.81 22.04 20.59
N PRO B 47 -21.50 23.00 21.47
CA PRO B 47 -20.19 23.04 22.14
C PRO B 47 -19.83 21.72 22.82
N GLY B 48 -18.64 21.21 22.50
CA GLY B 48 -18.20 19.96 23.09
C GLY B 48 -18.60 18.79 22.24
N ASN B 49 -19.34 19.04 21.17
CA ASN B 49 -19.76 17.98 20.28
C ASN B 49 -18.97 18.04 19.00
N MET B 50 -18.44 19.22 18.69
CA MET B 50 -17.65 19.42 17.49
C MET B 50 -16.27 18.82 17.71
N PRO B 51 -15.82 17.94 16.79
CA PRO B 51 -14.52 17.28 16.89
C PRO B 51 -13.37 18.15 16.42
N ASP B 52 -12.16 17.84 16.89
CA ASP B 52 -10.99 18.58 16.49
C ASP B 52 -10.49 17.93 15.20
N VAL B 53 -10.53 16.60 15.18
CA VAL B 53 -10.09 15.82 14.04
C VAL B 53 -11.11 14.75 13.71
N VAL B 54 -11.31 14.52 12.43
CA VAL B 54 -12.23 13.47 12.00
C VAL B 54 -11.43 12.46 11.17
N ILE B 55 -11.49 11.20 11.57
CA ILE B 55 -10.79 10.14 10.83
C ILE B 55 -11.88 9.60 9.94
N LEU B 56 -11.84 9.99 8.68
CA LEU B 56 -12.86 9.57 7.74
C LEU B 56 -12.50 8.32 6.95
N VAL B 57 -13.21 7.24 7.26
CA VAL B 57 -13.01 5.97 6.59
C VAL B 57 -13.96 5.93 5.39
N TYR B 58 -13.40 5.74 4.20
CA TYR B 58 -14.18 5.66 2.98
C TYR B 58 -13.36 4.87 1.98
N ASN B 59 -13.99 4.49 0.87
CA ASN B 59 -13.26 3.76 -0.16
C ASN B 59 -13.03 4.69 -1.33
N ASP B 60 -11.81 4.70 -1.85
CA ASP B 60 -11.50 5.54 -3.00
C ASP B 60 -12.25 4.91 -4.19
N HIS B 61 -12.94 5.74 -4.98
CA HIS B 61 -13.69 5.23 -6.12
C HIS B 61 -12.93 5.41 -7.42
N ALA B 62 -11.75 4.82 -7.47
CA ALA B 62 -10.88 4.90 -8.64
C ALA B 62 -10.63 6.37 -8.92
N SER B 63 -10.21 7.08 -7.89
CA SER B 63 -9.91 8.50 -8.01
C SER B 63 -8.44 8.73 -7.70
N ALA B 64 -8.04 8.44 -6.46
CA ALA B 64 -6.66 8.62 -6.04
C ALA B 64 -5.82 7.41 -6.45
N PHE B 65 -6.46 6.26 -6.60
CA PHE B 65 -5.76 5.04 -6.98
C PHE B 65 -6.35 4.47 -8.28
N ASP B 66 -5.49 4.21 -9.26
CA ASP B 66 -5.96 3.64 -10.50
C ASP B 66 -5.64 2.14 -10.45
N MET B 67 -5.44 1.52 -11.61
CA MET B 67 -5.14 0.10 -11.64
C MET B 67 -3.67 -0.24 -11.37
N ASN B 68 -2.83 0.76 -11.23
CA ASN B 68 -1.41 0.50 -11.01
C ASN B 68 -1.00 0.33 -9.56
N ILE B 69 -1.81 0.86 -8.65
CA ILE B 69 -1.53 0.77 -7.22
C ILE B 69 -2.85 0.59 -6.49
N ILE B 70 -2.95 -0.50 -5.75
CA ILE B 70 -4.15 -0.83 -4.99
C ILE B 70 -3.82 -1.23 -3.56
N PRO B 71 -3.85 -0.27 -2.62
CA PRO B 71 -3.56 -0.57 -1.23
C PRO B 71 -4.80 -1.01 -0.45
N THR B 72 -4.63 -2.02 0.40
CA THR B 72 -5.75 -2.52 1.21
C THR B 72 -6.17 -1.43 2.19
N PHE B 73 -5.21 -0.91 2.94
CA PHE B 73 -5.47 0.16 3.92
C PHE B 73 -4.44 1.27 3.69
N ALA B 74 -4.91 2.52 3.65
CA ALA B 74 -4.02 3.67 3.47
C ALA B 74 -4.44 4.76 4.43
N ILE B 75 -3.52 5.66 4.75
CA ILE B 75 -3.83 6.75 5.66
C ILE B 75 -3.20 8.03 5.11
N GLY B 76 -3.99 9.10 5.05
CA GLY B 76 -3.49 10.36 4.55
C GLY B 76 -2.81 11.18 5.63
N CYS B 77 -1.49 11.35 5.49
CA CYS B 77 -0.72 12.09 6.48
C CYS B 77 -0.31 13.47 5.98
N ALA B 78 -0.91 13.91 4.88
CA ALA B 78 -0.60 15.22 4.31
C ALA B 78 -1.29 16.36 5.05
N GLU B 79 -0.83 17.57 4.75
CA GLU B 79 -1.34 18.79 5.34
C GLU B 79 -2.66 19.18 4.71
N THR B 80 -2.70 19.11 3.38
CA THR B 80 -3.90 19.47 2.63
C THR B 80 -4.25 18.41 1.60
N PHE B 81 -5.55 18.27 1.31
CA PHE B 81 -6.03 17.32 0.32
C PHE B 81 -7.02 18.06 -0.57
N LYS B 82 -6.76 18.06 -1.87
CA LYS B 82 -7.65 18.74 -2.80
C LYS B 82 -8.76 17.82 -3.30
N PRO B 83 -9.97 18.36 -3.48
CA PRO B 83 -11.09 17.57 -3.99
C PRO B 83 -10.74 17.10 -5.41
N ALA B 84 -10.90 15.82 -5.68
CA ALA B 84 -10.58 15.28 -6.99
C ALA B 84 -11.56 15.68 -8.09
N ASP B 85 -11.08 15.65 -9.33
CA ASP B 85 -11.92 15.94 -10.47
C ASP B 85 -12.31 14.54 -10.98
N GLU B 86 -13.58 14.19 -10.85
CA GLU B 86 -14.04 12.87 -11.26
C GLU B 86 -14.81 12.86 -12.57
N GLY B 87 -14.65 13.93 -13.36
CA GLY B 87 -15.35 13.99 -14.62
C GLY B 87 -16.15 15.27 -14.81
N TRP B 88 -16.55 15.91 -13.71
CA TRP B 88 -17.32 17.16 -13.77
C TRP B 88 -16.51 18.34 -13.31
N GLY B 89 -15.21 18.14 -13.10
CA GLY B 89 -14.39 19.22 -12.61
C GLY B 89 -14.28 19.04 -11.12
N PRO B 90 -13.33 19.70 -10.45
CA PRO B 90 -13.16 19.56 -9.01
C PRO B 90 -14.42 19.92 -8.23
N ARG B 91 -14.77 19.13 -7.23
CA ARG B 91 -15.96 19.43 -6.43
C ARG B 91 -15.75 20.81 -5.81
N PRO B 92 -16.74 21.71 -5.95
CA PRO B 92 -16.63 23.06 -5.40
C PRO B 92 -16.82 23.16 -3.89
N VAL B 93 -15.89 22.56 -3.15
CA VAL B 93 -15.92 22.61 -1.70
C VAL B 93 -14.52 22.99 -1.23
N PRO B 94 -14.40 23.41 0.05
CA PRO B 94 -13.08 23.79 0.55
C PRO B 94 -12.10 22.61 0.61
N ASP B 95 -10.82 22.93 0.50
CA ASP B 95 -9.78 21.90 0.56
C ASP B 95 -9.89 21.26 1.94
N VAL B 96 -9.56 19.98 2.03
CA VAL B 96 -9.62 19.28 3.31
C VAL B 96 -8.29 19.44 4.01
N LYS B 97 -8.32 19.96 5.23
CA LYS B 97 -7.11 20.16 6.01
C LYS B 97 -6.95 18.95 6.93
N GLY B 98 -5.81 18.29 6.84
CA GLY B 98 -5.57 17.13 7.68
C GLY B 98 -4.86 17.48 8.96
N HIS B 99 -4.36 16.45 9.64
CA HIS B 99 -3.63 16.60 10.89
C HIS B 99 -2.43 15.65 10.84
N PRO B 100 -1.32 16.10 10.24
CA PRO B 100 -0.10 15.29 10.10
C PRO B 100 0.42 14.65 11.38
N ASP B 101 0.39 15.39 12.48
CA ASP B 101 0.87 14.85 13.74
C ASP B 101 0.11 13.61 14.18
N LEU B 102 -1.21 13.72 14.31
CA LEU B 102 -2.03 12.58 14.72
C LEU B 102 -2.02 11.49 13.67
N ALA B 103 -2.06 11.89 12.39
CA ALA B 103 -2.06 10.96 11.27
C ALA B 103 -0.81 10.08 11.22
N TRP B 104 0.37 10.69 11.37
CA TRP B 104 1.64 9.96 11.35
C TRP B 104 1.76 9.11 12.60
N HIS B 105 1.22 9.60 13.72
CA HIS B 105 1.28 8.86 14.97
C HIS B 105 0.45 7.59 14.81
N ILE B 106 -0.74 7.75 14.23
CA ILE B 106 -1.64 6.61 14.01
C ILE B 106 -0.99 5.62 13.04
N ALA B 107 -0.41 6.14 11.96
CA ALA B 107 0.24 5.29 10.97
C ALA B 107 1.37 4.45 11.59
N GLN B 108 2.23 5.07 12.39
CA GLN B 108 3.34 4.36 13.03
C GLN B 108 2.81 3.29 13.99
N SER B 109 1.73 3.60 14.70
CA SER B 109 1.13 2.66 15.65
C SER B 109 0.51 1.44 14.99
N LEU B 110 -0.18 1.64 13.88
CA LEU B 110 -0.83 0.54 13.20
C LEU B 110 0.18 -0.47 12.65
N ILE B 111 1.32 0.02 12.16
CA ILE B 111 2.35 -0.87 11.62
C ILE B 111 2.99 -1.66 12.77
N LEU B 112 3.23 -0.97 13.89
CA LEU B 112 3.81 -1.63 15.05
C LEU B 112 2.81 -2.63 15.59
N ASP B 113 1.53 -2.41 15.28
CA ASP B 113 0.47 -3.30 15.73
C ASP B 113 0.16 -4.34 14.66
N GLU B 114 1.09 -4.48 13.73
CA GLU B 114 1.00 -5.45 12.65
C GLU B 114 -0.10 -5.32 11.61
N PHE B 115 -0.34 -4.08 11.19
CA PHE B 115 -1.27 -3.80 10.12
C PHE B 115 -0.28 -3.26 9.09
N ASP B 116 -0.31 -3.82 7.88
CA ASP B 116 0.60 -3.42 6.82
C ASP B 116 0.10 -2.18 6.06
N MET B 117 0.19 -1.04 6.72
CA MET B 117 -0.28 0.24 6.20
C MET B 117 0.48 0.81 5.03
N THR B 118 -0.21 1.63 4.25
CA THR B 118 0.37 2.32 3.11
C THR B 118 0.20 3.78 3.51
N ILE B 119 1.30 4.50 3.62
CA ILE B 119 1.25 5.91 4.01
C ILE B 119 1.16 6.79 2.78
N MET B 120 0.16 7.69 2.78
CA MET B 120 -0.05 8.62 1.66
C MET B 120 0.26 10.05 2.10
N ASN B 121 1.20 10.70 1.43
CA ASN B 121 1.55 12.06 1.78
C ASN B 121 1.10 13.04 0.72
N GLN B 122 0.34 12.53 -0.23
CA GLN B 122 -0.20 13.33 -1.30
C GLN B 122 -1.27 12.51 -1.98
N MET B 123 -2.50 13.02 -1.97
CA MET B 123 -3.60 12.31 -2.58
C MET B 123 -4.83 13.21 -2.64
N ASP B 124 -5.61 13.07 -3.70
CA ASP B 124 -6.84 13.84 -3.87
C ASP B 124 -7.93 13.06 -3.17
N VAL B 125 -8.93 13.76 -2.67
CA VAL B 125 -10.03 13.10 -1.98
C VAL B 125 -11.28 13.21 -2.84
N ASP B 126 -11.88 12.07 -3.17
CA ASP B 126 -13.09 12.11 -3.98
C ASP B 126 -14.34 12.22 -3.12
N HIS B 127 -15.51 12.18 -3.77
CA HIS B 127 -16.80 12.31 -3.10
C HIS B 127 -16.96 11.44 -1.86
N GLY B 128 -16.23 10.33 -1.81
CA GLY B 128 -16.35 9.43 -0.67
C GLY B 128 -15.92 10.11 0.62
N CYS B 129 -14.99 11.04 0.49
CA CYS B 129 -14.49 11.78 1.63
C CYS B 129 -15.20 13.11 1.87
N THR B 130 -15.45 13.85 0.79
CA THR B 130 -16.06 15.17 0.87
C THR B 130 -17.59 15.28 0.97
N VAL B 131 -18.31 14.32 0.43
CA VAL B 131 -19.76 14.37 0.52
C VAL B 131 -20.20 14.26 1.99
N PRO B 132 -19.58 13.35 2.77
CA PRO B 132 -20.02 13.28 4.18
C PRO B 132 -19.78 14.60 4.92
N LEU B 133 -18.70 15.31 4.58
CA LEU B 133 -18.39 16.58 5.22
C LEU B 133 -19.45 17.62 4.85
N SER B 134 -19.91 17.58 3.61
CA SER B 134 -20.94 18.51 3.15
C SER B 134 -22.28 18.23 3.82
N MET B 135 -22.59 16.95 3.98
CA MET B 135 -23.84 16.53 4.60
C MET B 135 -23.91 16.87 6.07
N ILE B 136 -22.78 16.81 6.76
CA ILE B 136 -22.76 17.07 8.20
C ILE B 136 -22.35 18.49 8.59
N PHE B 137 -21.49 19.12 7.78
CA PHE B 137 -21.03 20.46 8.08
C PHE B 137 -21.61 21.53 7.19
N GLY B 138 -22.45 21.13 6.23
CA GLY B 138 -23.06 22.09 5.34
C GLY B 138 -22.11 22.67 4.31
N GLU B 139 -22.23 23.98 4.06
CA GLU B 139 -21.38 24.64 3.08
C GLU B 139 -20.56 25.78 3.67
N PRO B 140 -19.61 25.46 4.57
CA PRO B 140 -18.79 26.50 5.17
C PRO B 140 -17.66 26.91 4.22
N GLU B 141 -17.06 28.06 4.49
CA GLU B 141 -15.95 28.56 3.69
C GLU B 141 -14.72 27.73 3.95
N GLU B 142 -14.73 27.02 5.08
CA GLU B 142 -13.65 26.15 5.49
C GLU B 142 -14.27 25.09 6.38
N TRP B 143 -13.77 23.86 6.34
CA TRP B 143 -14.33 22.82 7.18
C TRP B 143 -14.04 23.18 8.62
N PRO B 144 -14.99 22.94 9.52
CA PRO B 144 -14.83 23.26 10.95
C PRO B 144 -13.85 22.43 11.76
N CYS B 145 -13.22 21.42 11.13
CA CYS B 145 -12.26 20.58 11.84
C CYS B 145 -11.23 19.99 10.90
N LYS B 146 -10.24 19.30 11.46
CA LYS B 146 -9.22 18.66 10.64
C LYS B 146 -9.76 17.30 10.25
N VAL B 147 -9.34 16.79 9.10
CA VAL B 147 -9.79 15.49 8.63
C VAL B 147 -8.62 14.61 8.18
N ILE B 148 -8.64 13.36 8.63
CA ILE B 148 -7.61 12.39 8.24
C ILE B 148 -8.31 11.35 7.37
N PRO B 149 -8.07 11.39 6.05
CA PRO B 149 -8.68 10.46 5.10
C PRO B 149 -8.08 9.08 5.31
N PHE B 150 -8.94 8.07 5.34
CA PHE B 150 -8.53 6.68 5.55
C PHE B 150 -9.17 5.79 4.48
N PRO B 151 -8.57 5.75 3.28
CA PRO B 151 -9.09 4.94 2.17
C PRO B 151 -8.92 3.44 2.35
N VAL B 152 -10.02 2.71 2.12
CA VAL B 152 -10.04 1.27 2.25
C VAL B 152 -10.44 0.68 0.92
N ASN B 153 -9.76 -0.36 0.47
CA ASN B 153 -10.11 -0.96 -0.81
C ASN B 153 -11.30 -1.91 -0.74
N VAL B 154 -12.34 -1.62 -1.49
CA VAL B 154 -13.50 -2.49 -1.56
C VAL B 154 -13.88 -2.52 -3.04
N VAL B 155 -12.96 -2.06 -3.88
CA VAL B 155 -13.16 -2.02 -5.32
C VAL B 155 -12.67 -3.29 -6.01
N THR B 156 -11.41 -3.64 -5.80
CA THR B 156 -10.83 -4.83 -6.41
C THR B 156 -10.77 -5.92 -5.35
N TYR B 157 -11.30 -7.09 -5.69
CA TYR B 157 -11.32 -8.21 -4.78
C TYR B 157 -10.00 -8.94 -4.66
N PRO B 158 -9.71 -9.46 -3.45
CA PRO B 158 -10.61 -9.32 -2.30
C PRO B 158 -10.39 -8.10 -1.39
N PRO B 159 -11.49 -7.52 -0.88
CA PRO B 159 -11.40 -6.37 0.03
C PRO B 159 -11.04 -7.00 1.37
N PRO B 160 -10.67 -6.20 2.37
CA PRO B 160 -10.33 -6.86 3.64
C PRO B 160 -11.58 -7.54 4.24
N SER B 161 -11.36 -8.48 5.16
CA SER B 161 -12.44 -9.20 5.81
C SER B 161 -13.15 -8.35 6.86
N GLY B 162 -14.38 -8.71 7.20
CA GLY B 162 -15.10 -7.96 8.20
C GLY B 162 -14.33 -8.04 9.51
N LYS B 163 -13.71 -9.18 9.74
CA LYS B 163 -12.93 -9.43 10.94
C LYS B 163 -11.70 -8.52 11.01
N ARG B 164 -11.05 -8.30 9.87
CA ARG B 164 -9.86 -7.45 9.81
C ARG B 164 -10.23 -5.98 10.07
N CYS B 165 -11.29 -5.54 9.43
CA CYS B 165 -11.76 -4.18 9.58
C CYS B 165 -12.10 -3.89 11.02
N PHE B 166 -12.86 -4.80 11.62
CA PHE B 166 -13.25 -4.64 13.02
C PHE B 166 -12.03 -4.48 13.89
N ALA B 167 -11.05 -5.35 13.70
CA ALA B 167 -9.80 -5.31 14.46
C ALA B 167 -9.05 -4.00 14.22
N LEU B 168 -9.00 -3.56 12.97
CA LEU B 168 -8.31 -2.32 12.64
C LEU B 168 -8.94 -1.18 13.43
N GLY B 169 -10.27 -1.20 13.58
CA GLY B 169 -10.95 -0.15 14.30
C GLY B 169 -10.45 -0.03 15.73
N ASP B 170 -10.20 -1.16 16.36
CA ASP B 170 -9.71 -1.18 17.73
C ASP B 170 -8.27 -0.69 17.82
N SER B 171 -7.52 -0.89 16.75
CA SER B 171 -6.13 -0.46 16.69
C SER B 171 -6.06 1.06 16.59
N ILE B 172 -6.98 1.64 15.82
CA ILE B 172 -7.04 3.08 15.64
C ILE B 172 -7.37 3.76 16.98
N ARG B 173 -8.33 3.21 17.71
CA ARG B 173 -8.71 3.78 19.00
C ARG B 173 -7.48 3.81 19.92
N ALA B 174 -6.71 2.72 19.92
CA ALA B 174 -5.53 2.65 20.78
C ALA B 174 -4.50 3.72 20.41
N ALA B 175 -4.26 3.89 19.12
CA ALA B 175 -3.30 4.88 18.66
C ALA B 175 -3.75 6.30 19.03
N VAL B 176 -5.05 6.53 18.94
CA VAL B 176 -5.63 7.82 19.27
C VAL B 176 -5.51 8.12 20.77
N GLU B 177 -5.83 7.13 21.60
CA GLU B 177 -5.76 7.31 23.04
C GLU B 177 -4.34 7.57 23.50
N SER B 178 -3.36 7.02 22.78
CA SER B 178 -1.98 7.23 23.15
C SER B 178 -1.39 8.52 22.60
N PHE B 179 -2.18 9.28 21.84
CA PHE B 179 -1.70 10.55 21.31
C PHE B 179 -1.71 11.56 22.45
N PRO B 180 -0.56 12.21 22.72
CA PRO B 180 -0.41 13.21 23.79
C PRO B 180 -1.51 14.27 23.91
N GLU B 181 -1.70 15.09 22.88
CA GLU B 181 -2.73 16.12 22.95
C GLU B 181 -4.10 15.53 23.25
N ASP B 182 -4.90 16.25 24.01
CA ASP B 182 -6.24 15.79 24.37
C ASP B 182 -7.26 16.23 23.33
N LEU B 183 -7.20 15.63 22.15
CA LEU B 183 -8.09 15.96 21.07
C LEU B 183 -9.43 15.23 21.15
N ASN B 184 -10.46 15.85 20.61
CA ASN B 184 -11.79 15.24 20.54
C ASN B 184 -11.77 14.65 19.13
N VAL B 185 -11.62 13.33 19.06
CA VAL B 185 -11.54 12.64 17.79
C VAL B 185 -12.78 11.82 17.44
N HIS B 186 -13.18 11.86 16.17
CA HIS B 186 -14.35 11.11 15.69
C HIS B 186 -13.87 10.10 14.65
N VAL B 187 -14.60 9.00 14.51
CA VAL B 187 -14.30 8.06 13.47
C VAL B 187 -15.58 7.93 12.68
N TRP B 188 -15.51 8.26 11.39
CA TRP B 188 -16.67 8.17 10.52
C TRP B 188 -16.54 6.99 9.57
N GLY B 189 -17.55 6.13 9.57
CA GLY B 189 -17.56 5.00 8.66
C GLY B 189 -18.52 5.42 7.57
N THR B 190 -18.03 5.63 6.35
CA THR B 190 -18.91 6.07 5.28
C THR B 190 -19.10 5.04 4.17
N GLY B 191 -20.23 5.16 3.49
CA GLY B 191 -20.54 4.25 2.41
C GLY B 191 -21.85 3.51 2.65
N GLY B 192 -22.23 2.67 1.70
CA GLY B 192 -23.45 1.88 1.83
C GLY B 192 -24.69 2.72 1.62
N MET B 193 -25.86 2.13 1.91
CA MET B 193 -25.93 0.76 2.40
C MET B 193 -26.18 -0.18 1.24
N SER B 194 -27.21 -1.01 1.33
CA SER B 194 -27.50 -1.95 0.26
C SER B 194 -27.74 -1.25 -1.07
N HIS B 195 -27.13 -1.78 -2.13
CA HIS B 195 -27.30 -1.26 -3.48
C HIS B 195 -26.44 -2.00 -4.48
N GLN B 196 -26.86 -1.96 -5.74
CA GLN B 196 -26.13 -2.59 -6.81
C GLN B 196 -26.17 -1.62 -7.97
N LEU B 197 -24.99 -1.30 -8.50
CA LEU B 197 -24.87 -0.36 -9.61
C LEU B 197 -24.73 -1.04 -10.96
N GLN B 198 -24.31 -2.30 -10.94
CA GLN B 198 -24.07 -3.03 -12.17
C GLN B 198 -25.08 -4.07 -12.61
N GLY B 199 -25.17 -4.20 -13.94
CA GLY B 199 -26.03 -5.19 -14.56
C GLY B 199 -27.52 -5.19 -14.38
N PRO B 200 -28.16 -6.31 -14.77
CA PRO B 200 -29.60 -6.57 -14.72
C PRO B 200 -30.19 -6.56 -13.32
N ARG B 201 -29.34 -6.71 -12.32
CA ARG B 201 -29.78 -6.75 -10.94
C ARG B 201 -29.56 -5.40 -10.24
N ALA B 202 -29.13 -4.40 -11.02
CA ALA B 202 -28.93 -3.07 -10.47
C ALA B 202 -30.28 -2.62 -9.93
N GLY B 203 -30.27 -1.80 -8.89
CA GLY B 203 -31.52 -1.34 -8.33
C GLY B 203 -31.89 -2.11 -7.06
N LEU B 204 -31.14 -3.18 -6.80
CA LEU B 204 -31.39 -4.01 -5.63
C LEU B 204 -31.26 -3.23 -4.32
N ILE B 205 -32.26 -3.41 -3.45
CA ILE B 205 -32.27 -2.78 -2.13
C ILE B 205 -32.76 -3.87 -1.18
N ASN B 206 -32.10 -4.01 -0.03
CA ASN B 206 -32.50 -5.01 0.94
C ASN B 206 -32.66 -4.38 2.31
N LYS B 207 -33.82 -3.77 2.54
CA LYS B 207 -34.06 -3.09 3.80
C LYS B 207 -33.95 -4.04 4.98
N GLU B 208 -34.29 -5.29 4.77
CA GLU B 208 -34.21 -6.26 5.84
C GLU B 208 -32.75 -6.42 6.25
N PHE B 209 -31.88 -6.55 5.26
CA PHE B 209 -30.44 -6.70 5.51
C PHE B 209 -29.89 -5.48 6.21
N ASP B 210 -30.18 -4.32 5.63
CA ASP B 210 -29.73 -3.03 6.14
C ASP B 210 -30.07 -2.78 7.59
N LEU B 211 -31.35 -2.90 7.92
CA LEU B 211 -31.81 -2.66 9.28
C LEU B 211 -31.19 -3.66 10.25
N ASN B 212 -31.04 -4.90 9.81
CA ASN B 212 -30.43 -5.92 10.65
C ASN B 212 -28.95 -5.57 10.89
N PHE B 213 -28.29 -5.08 9.85
CA PHE B 213 -26.89 -4.71 9.94
C PHE B 213 -26.68 -3.62 11.00
N ILE B 214 -27.49 -2.57 10.93
CA ILE B 214 -27.41 -1.46 11.88
C ILE B 214 -27.61 -2.00 13.30
N ASP B 215 -28.62 -2.85 13.44
CA ASP B 215 -28.96 -3.47 14.70
C ASP B 215 -27.80 -4.27 15.30
N LYS B 216 -27.20 -5.16 14.52
CA LYS B 216 -26.10 -5.95 15.03
C LYS B 216 -24.83 -5.11 15.20
N LEU B 217 -24.68 -4.08 14.37
CA LEU B 217 -23.50 -3.23 14.47
C LEU B 217 -23.48 -2.58 15.83
N ILE B 218 -24.67 -2.26 16.36
CA ILE B 218 -24.75 -1.62 17.67
C ILE B 218 -24.55 -2.59 18.83
N SER B 219 -25.33 -3.67 18.84
CA SER B 219 -25.27 -4.65 19.94
C SER B 219 -24.32 -5.84 19.83
N ASP B 220 -24.09 -6.35 18.62
CA ASP B 220 -23.20 -7.51 18.48
C ASP B 220 -22.24 -7.39 17.31
N PRO B 221 -21.37 -6.37 17.32
CA PRO B 221 -20.39 -6.17 16.24
C PRO B 221 -19.43 -7.33 16.01
N GLU B 222 -19.02 -7.99 17.08
CA GLU B 222 -18.10 -9.12 16.96
C GLU B 222 -18.68 -10.23 16.09
N GLU B 223 -19.97 -10.46 16.20
CA GLU B 223 -20.63 -11.49 15.42
C GLU B 223 -20.85 -11.01 13.98
N LEU B 224 -21.12 -9.72 13.82
CA LEU B 224 -21.32 -9.11 12.52
C LEU B 224 -20.03 -9.14 11.70
N SER B 225 -18.89 -9.05 12.38
CA SER B 225 -17.60 -9.04 11.71
C SER B 225 -17.23 -10.41 11.16
N LYS B 226 -18.04 -11.42 11.49
CA LYS B 226 -17.79 -12.77 11.02
C LYS B 226 -18.46 -12.96 9.67
N MET B 227 -19.41 -12.08 9.34
CA MET B 227 -20.13 -12.17 8.07
C MET B 227 -19.16 -12.16 6.89
N PRO B 228 -19.24 -13.19 6.04
CA PRO B 228 -18.36 -13.31 4.87
C PRO B 228 -18.78 -12.39 3.72
N HIS B 229 -17.82 -12.08 2.87
CA HIS B 229 -18.07 -11.20 1.72
C HIS B 229 -19.25 -11.67 0.90
N ILE B 230 -19.28 -12.96 0.58
CA ILE B 230 -20.35 -13.52 -0.24
C ILE B 230 -21.75 -13.17 0.28
N GLN B 231 -21.91 -13.09 1.59
CA GLN B 231 -23.22 -12.75 2.16
C GLN B 231 -23.61 -11.30 1.89
N TYR B 232 -22.63 -10.40 1.87
CA TYR B 232 -22.88 -8.98 1.59
C TYR B 232 -23.35 -8.90 0.13
N LEU B 233 -22.55 -9.48 -0.75
CA LEU B 233 -22.80 -9.48 -2.19
C LEU B 233 -24.14 -10.06 -2.59
N ARG B 234 -24.43 -11.24 -2.06
CA ARG B 234 -25.68 -11.93 -2.35
C ARG B 234 -26.90 -11.14 -1.87
N GLU B 235 -26.86 -10.76 -0.60
CA GLU B 235 -27.96 -10.04 0.04
C GLU B 235 -28.09 -8.54 -0.16
N SER B 236 -26.99 -7.80 -0.03
CA SER B 236 -27.03 -6.35 -0.16
C SER B 236 -26.60 -5.74 -1.49
N GLY B 237 -26.32 -6.57 -2.49
CA GLY B 237 -25.91 -6.06 -3.78
C GLY B 237 -24.39 -6.05 -3.89
N SER B 238 -23.88 -6.13 -5.11
CA SER B 238 -22.44 -6.17 -5.30
C SER B 238 -21.73 -4.95 -4.68
N GLU B 239 -22.37 -3.79 -4.72
CA GLU B 239 -21.71 -2.61 -4.16
C GLU B 239 -22.00 -2.39 -2.68
N GLY B 240 -22.96 -3.14 -2.14
CA GLY B 240 -23.30 -3.01 -0.74
C GLY B 240 -22.17 -3.44 0.20
N VAL B 241 -21.17 -4.08 -0.38
CA VAL B 241 -20.02 -4.56 0.39
C VAL B 241 -19.29 -3.41 1.10
N GLU B 242 -19.60 -2.17 0.71
CA GLU B 242 -18.98 -0.99 1.32
C GLU B 242 -19.24 -0.96 2.83
N LEU B 243 -20.31 -1.61 3.25
CA LEU B 243 -20.70 -1.66 4.65
C LEU B 243 -19.63 -2.27 5.56
N VAL B 244 -18.66 -2.97 5.00
CA VAL B 244 -17.61 -3.57 5.84
C VAL B 244 -16.85 -2.45 6.54
N MET B 245 -16.79 -1.28 5.90
CA MET B 245 -16.07 -0.15 6.46
C MET B 245 -16.70 0.40 7.74
N TRP B 246 -17.99 0.15 7.92
CA TRP B 246 -18.69 0.62 9.12
C TRP B 246 -18.18 -0.12 10.34
N LEU B 247 -17.57 -1.28 10.12
CA LEU B 247 -17.04 -2.10 11.20
C LEU B 247 -15.76 -1.49 11.75
N ILE B 248 -15.06 -0.71 10.94
CA ILE B 248 -13.84 -0.05 11.37
C ILE B 248 -14.23 1.01 12.40
N MET B 249 -15.26 1.76 12.06
CA MET B 249 -15.76 2.81 12.95
C MET B 249 -16.23 2.15 14.25
N ARG B 250 -17.04 1.11 14.12
CA ARG B 250 -17.58 0.40 15.27
C ARG B 250 -16.48 -0.14 16.18
N GLY B 251 -15.45 -0.72 15.58
CA GLY B 251 -14.36 -1.27 16.37
C GLY B 251 -13.56 -0.25 17.15
N ALA B 252 -13.72 1.02 16.79
CA ALA B 252 -13.00 2.09 17.49
C ALA B 252 -13.77 2.49 18.74
N LEU B 253 -15.00 1.99 18.85
CA LEU B 253 -15.86 2.28 19.99
C LEU B 253 -15.84 1.09 20.94
N PRO B 254 -16.09 1.32 22.24
CA PRO B 254 -16.10 0.23 23.21
C PRO B 254 -17.25 -0.74 23.03
N GLU B 255 -17.26 -1.80 23.82
CA GLU B 255 -18.31 -2.80 23.73
C GLU B 255 -19.69 -2.19 23.90
N LYS B 256 -19.87 -1.37 24.92
CA LYS B 256 -21.17 -0.75 25.15
C LYS B 256 -21.26 0.64 24.55
N VAL B 257 -22.16 0.81 23.59
CA VAL B 257 -22.37 2.10 22.96
C VAL B 257 -23.84 2.47 23.01
N ARG B 258 -24.12 3.77 22.93
CA ARG B 258 -25.48 4.24 22.93
C ARG B 258 -25.70 4.89 21.58
N ASP B 259 -26.77 4.50 20.90
CA ASP B 259 -27.06 5.08 19.60
C ASP B 259 -27.90 6.31 19.88
N LEU B 260 -27.34 7.49 19.60
CA LEU B 260 -28.06 8.72 19.86
C LEU B 260 -29.05 9.04 18.75
N TYR B 261 -28.75 8.58 17.54
CA TYR B 261 -29.63 8.87 16.42
C TYR B 261 -29.38 7.98 15.24
N THR B 262 -30.45 7.63 14.54
CA THR B 262 -30.38 6.78 13.37
C THR B 262 -31.39 7.19 12.29
N PHE B 263 -30.89 7.34 11.07
CA PHE B 263 -31.72 7.72 9.93
C PHE B 263 -31.57 6.71 8.80
N TYR B 264 -32.69 6.20 8.28
CA TYR B 264 -32.69 5.25 7.18
C TYR B 264 -33.72 5.72 6.17
N HIS B 265 -33.31 5.78 4.90
CA HIS B 265 -34.20 6.27 3.84
C HIS B 265 -33.95 5.57 2.50
N ILE B 266 -35.04 5.33 1.77
CA ILE B 266 -35.02 4.69 0.46
C ILE B 266 -35.95 5.49 -0.46
N PRO B 267 -35.47 5.92 -1.65
CA PRO B 267 -34.12 5.70 -2.18
C PRO B 267 -33.32 7.01 -2.18
N ALA B 268 -32.03 6.88 -2.40
CA ALA B 268 -31.12 8.02 -2.52
C ALA B 268 -30.32 7.55 -3.73
N SER B 269 -30.74 8.01 -4.92
CA SER B 269 -30.11 7.60 -6.16
C SER B 269 -30.38 6.09 -6.30
N ASN B 270 -29.33 5.27 -6.30
CA ASN B 270 -29.48 3.82 -6.43
C ASN B 270 -29.42 3.10 -5.08
N THR B 271 -29.29 3.85 -4.01
CA THR B 271 -29.12 3.24 -2.69
C THR B 271 -30.19 3.40 -1.63
N ALA B 272 -29.93 2.71 -0.51
CA ALA B 272 -30.76 2.78 0.70
C ALA B 272 -29.76 3.58 1.54
N LEU B 273 -30.19 4.74 2.05
CA LEU B 273 -29.29 5.60 2.82
C LEU B 273 -29.41 5.47 4.32
N GLY B 274 -28.26 5.41 4.98
CA GLY B 274 -28.24 5.29 6.42
C GLY B 274 -27.23 6.24 7.02
N ALA B 275 -27.51 6.69 8.24
CA ALA B 275 -26.62 7.60 8.92
C ALA B 275 -26.92 7.47 10.41
N MET B 276 -25.89 7.48 11.25
CA MET B 276 -26.13 7.36 12.68
C MET B 276 -25.02 7.94 13.52
N ILE B 277 -25.32 8.15 14.80
CA ILE B 277 -24.37 8.68 15.77
C ILE B 277 -24.27 7.70 16.93
N LEU B 278 -23.06 7.25 17.23
CA LEU B 278 -22.85 6.33 18.33
C LEU B 278 -21.80 6.92 19.24
N GLN B 279 -21.98 6.70 20.53
CA GLN B 279 -21.03 7.18 21.52
C GLN B 279 -20.91 6.08 22.57
N PRO B 280 -19.77 6.00 23.24
CA PRO B 280 -19.60 4.97 24.27
C PRO B 280 -20.64 5.23 25.35
N GLU B 281 -21.34 4.18 25.77
CA GLU B 281 -22.37 4.31 26.81
C GLU B 281 -21.86 5.14 27.97
N GLU B 282 -20.63 4.85 28.37
CA GLU B 282 -19.97 5.51 29.49
C GLU B 282 -20.00 7.03 29.46
N THR B 283 -19.80 7.60 28.28
CA THR B 283 -19.77 9.05 28.15
C THR B 283 -20.81 9.58 27.17
N ALA B 284 -21.66 8.68 26.68
CA ALA B 284 -22.69 9.06 25.73
C ALA B 284 -23.53 10.23 26.22
N GLY B 285 -24.21 10.88 25.29
CA GLY B 285 -25.07 11.99 25.65
C GLY B 285 -26.49 11.45 25.63
N THR B 286 -27.47 12.34 25.62
CA THR B 286 -28.87 11.94 25.58
C THR B 286 -29.27 11.67 24.13
N PRO B 287 -30.00 10.57 23.89
CA PRO B 287 -30.38 10.32 22.50
C PRO B 287 -31.29 11.46 22.03
N LEU B 288 -31.45 11.60 20.72
CA LEU B 288 -32.29 12.65 20.18
C LEU B 288 -33.74 12.20 20.10
N GLU B 289 -34.64 13.16 19.92
CA GLU B 289 -36.07 12.90 19.82
C GLU B 289 -36.57 13.37 18.46
N PRO B 290 -36.95 12.43 17.56
CA PRO B 290 -36.93 10.98 17.75
C PRO B 290 -35.54 10.34 17.63
N ARG B 291 -35.41 9.14 18.20
CA ARG B 291 -34.15 8.42 18.19
C ARG B 291 -33.87 7.72 16.86
N LYS B 292 -34.94 7.25 16.22
CA LYS B 292 -34.86 6.55 14.95
C LYS B 292 -35.87 7.13 13.97
N VAL B 293 -35.43 7.32 12.73
CA VAL B 293 -36.29 7.86 11.68
C VAL B 293 -36.14 7.03 10.40
N MET B 294 -37.27 6.60 9.84
CA MET B 294 -37.24 5.79 8.62
C MET B 294 -38.13 6.40 7.56
N SER B 295 -37.53 7.07 6.58
CA SER B 295 -38.31 7.70 5.52
C SER B 295 -38.21 6.96 4.19
N GLY B 296 -39.03 7.41 3.24
CA GLY B 296 -39.06 6.80 1.94
C GLY B 296 -40.48 6.35 1.68
N HIS B 297 -40.91 6.35 0.43
CA HIS B 297 -42.26 5.96 0.09
C HIS B 297 -42.56 4.52 0.53
N SER B 298 -41.55 3.66 0.53
CA SER B 298 -41.72 2.27 0.92
C SER B 298 -41.57 2.03 2.43
N LEU B 299 -41.44 3.10 3.20
CA LEU B 299 -41.29 2.97 4.64
C LEU B 299 -42.38 3.73 5.38
N ILE C 8 4.68 -1.94 20.98
CA ILE C 8 3.31 -1.52 21.40
C ILE C 8 3.25 -0.03 21.75
N ASP C 9 4.33 0.51 22.32
CA ASP C 9 4.39 1.92 22.68
C ASP C 9 5.29 2.67 21.69
N VAL C 10 4.68 3.37 20.75
CA VAL C 10 5.42 4.09 19.72
C VAL C 10 6.44 5.11 20.24
N HIS C 11 6.15 5.74 21.37
CA HIS C 11 7.07 6.72 21.95
C HIS C 11 8.32 6.07 22.53
N ALA C 12 8.13 4.91 23.16
CA ALA C 12 9.23 4.16 23.74
C ALA C 12 10.05 3.59 22.59
N TYR C 13 9.36 3.09 21.58
CA TYR C 13 10.00 2.52 20.40
C TYR C 13 10.95 3.57 19.79
N LEU C 14 10.42 4.77 19.55
CA LEU C 14 11.18 5.86 18.96
C LEU C 14 12.27 6.44 19.83
N ALA C 15 12.04 6.50 21.13
CA ALA C 15 13.04 7.06 22.05
C ALA C 15 14.36 6.31 22.01
N GLU C 16 14.29 4.98 21.95
CA GLU C 16 15.49 4.16 21.93
C GLU C 16 16.51 4.47 20.84
N PHE C 17 16.04 4.89 19.67
CA PHE C 17 16.95 5.20 18.57
C PHE C 17 17.90 6.35 18.88
N ASP C 18 17.57 7.16 19.88
CA ASP C 18 18.40 8.29 20.26
C ASP C 18 19.66 7.88 21.02
N ASP C 19 19.73 6.61 21.42
CA ASP C 19 20.88 6.09 22.18
C ASP C 19 21.97 5.47 21.30
N ILE C 20 21.79 5.53 19.99
CA ILE C 20 22.80 4.99 19.08
C ILE C 20 23.66 6.14 18.57
N PRO C 21 24.98 6.05 18.79
CA PRO C 21 25.89 7.11 18.33
C PRO C 21 26.10 7.17 16.81
N GLY C 22 26.34 8.38 16.32
CA GLY C 22 26.61 8.61 14.90
C GLY C 22 25.56 8.06 13.95
N THR C 23 24.34 7.90 14.46
CA THR C 23 23.24 7.37 13.67
C THR C 23 22.00 8.24 13.81
N ARG C 24 21.26 8.38 12.72
CA ARG C 24 20.04 9.18 12.69
C ARG C 24 18.98 8.37 11.94
N VAL C 25 18.24 7.55 12.68
CA VAL C 25 17.21 6.70 12.09
C VAL C 25 16.17 7.54 11.38
N PHE C 26 15.82 7.10 10.17
CA PHE C 26 14.83 7.83 9.38
C PHE C 26 13.41 7.62 9.89
N THR C 27 13.03 8.42 10.88
CA THR C 27 11.70 8.33 11.47
C THR C 27 10.76 9.35 10.83
N ALA C 28 9.48 9.25 11.15
CA ALA C 28 8.46 10.15 10.61
C ALA C 28 8.85 11.61 10.77
N GLN C 29 9.38 11.95 11.94
CA GLN C 29 9.77 13.31 12.24
C GLN C 29 10.81 13.84 11.25
N ARG C 30 11.74 12.98 10.86
CA ARG C 30 12.79 13.36 9.92
C ARG C 30 12.22 13.38 8.51
N ALA C 31 11.36 12.41 8.22
CA ALA C 31 10.73 12.31 6.90
C ALA C 31 9.94 13.57 6.62
N ARG C 32 9.20 14.03 7.61
CA ARG C 32 8.41 15.21 7.44
C ARG C 32 9.27 16.44 7.18
N LYS C 33 10.41 16.54 7.86
CA LYS C 33 11.31 17.67 7.70
C LYS C 33 12.00 17.66 6.35
N GLY C 34 12.50 16.50 5.94
CA GLY C 34 13.21 16.41 4.67
C GLY C 34 12.36 16.10 3.45
N TYR C 35 11.05 16.20 3.58
CA TYR C 35 10.16 15.91 2.46
C TYR C 35 10.57 16.58 1.14
N ASN C 36 10.80 17.88 1.18
CA ASN C 36 11.18 18.64 -0.02
C ASN C 36 12.54 18.24 -0.56
N LEU C 37 13.51 18.11 0.34
CA LEU C 37 14.87 17.74 -0.05
C LEU C 37 14.90 16.34 -0.69
N ASN C 38 14.15 15.42 -0.11
CA ASN C 38 14.09 14.06 -0.62
C ASN C 38 13.34 14.00 -1.94
N GLN C 39 12.32 14.84 -2.10
CA GLN C 39 11.57 14.84 -3.35
C GLN C 39 12.40 15.50 -4.45
N PHE C 40 13.19 16.50 -4.08
CA PHE C 40 14.05 17.15 -5.07
C PHE C 40 15.04 16.10 -5.58
N ALA C 41 15.63 15.34 -4.64
CA ALA C 41 16.60 14.32 -5.03
C ALA C 41 15.95 13.32 -5.96
N MET C 42 14.71 12.95 -5.67
CA MET C 42 14.00 11.99 -6.51
C MET C 42 13.89 12.48 -7.96
N SER C 43 13.76 13.80 -8.13
CA SER C 43 13.64 14.41 -9.45
C SER C 43 14.85 14.16 -10.36
N LEU C 44 15.97 13.78 -9.76
CA LEU C 44 17.18 13.54 -10.54
C LEU C 44 17.20 12.15 -11.17
N MET C 45 16.09 11.43 -11.09
CA MET C 45 16.00 10.11 -11.69
C MET C 45 15.75 10.26 -13.18
N LYS C 46 15.41 11.50 -13.58
CA LYS C 46 15.15 11.84 -14.98
C LYS C 46 16.39 12.50 -15.55
N ALA C 47 16.87 11.96 -16.67
CA ALA C 47 18.07 12.49 -17.34
C ALA C 47 17.98 13.99 -17.65
N GLU C 48 16.82 14.46 -18.09
CA GLU C 48 16.64 15.87 -18.41
C GLU C 48 16.78 16.75 -17.17
N ASN C 49 16.21 16.28 -16.05
CA ASN C 49 16.29 17.03 -14.80
C ASN C 49 17.74 17.14 -14.34
N ARG C 50 18.50 16.06 -14.53
CA ARG C 50 19.90 16.04 -14.14
C ARG C 50 20.69 17.07 -14.94
N GLU C 51 20.40 17.14 -16.23
CA GLU C 51 21.07 18.09 -17.13
C GLU C 51 20.74 19.52 -16.71
N ARG C 52 19.47 19.75 -16.37
CA ARG C 52 19.04 21.07 -15.95
C ARG C 52 19.69 21.43 -14.62
N PHE C 53 19.71 20.48 -13.70
CA PHE C 53 20.31 20.71 -12.40
C PHE C 53 21.78 21.07 -12.57
N LYS C 54 22.47 20.31 -13.42
CA LYS C 54 23.88 20.54 -13.67
C LYS C 54 24.12 21.91 -14.29
N ALA C 55 23.27 22.29 -15.23
CA ALA C 55 23.39 23.59 -15.89
C ALA C 55 23.51 24.70 -14.84
N ASP C 56 22.54 24.76 -13.94
CA ASP C 56 22.54 25.74 -12.87
C ASP C 56 21.88 25.11 -11.65
N GLU C 57 22.72 24.66 -10.72
CA GLU C 57 22.25 24.00 -9.51
C GLU C 57 21.40 24.89 -8.63
N SER C 58 21.91 26.07 -8.31
CA SER C 58 21.20 27.01 -7.45
C SER C 58 19.80 27.29 -7.97
N ALA C 59 19.69 27.61 -9.26
CA ALA C 59 18.40 27.89 -9.86
C ALA C 59 17.46 26.70 -9.72
N TYR C 60 17.99 25.50 -9.95
CA TYR C 60 17.22 24.27 -9.83
C TYR C 60 16.64 24.13 -8.42
N LEU C 61 17.50 24.27 -7.43
CA LEU C 61 17.08 24.16 -6.03
C LEU C 61 15.99 25.15 -5.62
N ASP C 62 15.95 26.31 -6.25
CA ASP C 62 14.95 27.31 -5.92
C ASP C 62 13.52 26.86 -6.19
N GLU C 63 13.36 25.92 -7.11
CA GLU C 63 12.02 25.43 -7.43
C GLU C 63 11.55 24.35 -6.46
N TRP C 64 12.35 24.05 -5.45
CA TRP C 64 11.98 23.01 -4.49
C TRP C 64 11.71 23.48 -3.06
N ASN C 65 11.70 24.78 -2.87
CA ASN C 65 11.42 25.36 -1.55
C ASN C 65 12.18 24.71 -0.40
N LEU C 66 13.48 24.53 -0.56
CA LEU C 66 14.28 23.94 0.51
C LEU C 66 14.54 25.04 1.53
N THR C 67 14.87 24.66 2.76
CA THR C 67 15.19 25.68 3.76
C THR C 67 16.58 26.17 3.40
N PRO C 68 16.91 27.43 3.72
CA PRO C 68 18.25 27.93 3.39
C PRO C 68 19.36 26.96 3.79
N ALA C 69 19.20 26.30 4.93
CA ALA C 69 20.19 25.33 5.41
C ALA C 69 20.32 24.15 4.45
N ALA C 70 19.18 23.54 4.12
CA ALA C 70 19.14 22.39 3.23
C ALA C 70 19.74 22.73 1.86
N LYS C 71 19.38 23.89 1.31
CA LYS C 71 19.89 24.32 0.01
C LYS C 71 21.41 24.39 0.01
N ALA C 72 21.97 25.01 1.04
CA ALA C 72 23.41 25.15 1.17
C ALA C 72 24.09 23.79 1.26
N ALA C 73 23.52 22.90 2.06
CA ALA C 73 24.05 21.55 2.26
C ALA C 73 24.18 20.82 0.93
N VAL C 74 23.18 21.00 0.06
CA VAL C 74 23.20 20.34 -1.24
C VAL C 74 24.32 20.93 -2.11
N LEU C 75 24.35 22.25 -2.22
CA LEU C 75 25.36 22.92 -3.03
C LEU C 75 26.76 22.68 -2.48
N ALA C 76 26.85 22.36 -1.20
CA ALA C 76 28.13 22.09 -0.56
C ALA C 76 28.37 20.59 -0.52
N ARG C 77 27.39 19.82 -0.99
CA ARG C 77 27.50 18.36 -0.99
C ARG C 77 27.93 17.84 0.38
N ASP C 78 27.36 18.41 1.42
CA ASP C 78 27.66 17.98 2.77
C ASP C 78 26.51 17.05 3.11
N TYR C 79 26.76 15.75 2.97
CA TYR C 79 25.73 14.75 3.22
C TYR C 79 25.29 14.64 4.67
N ASN C 80 26.19 14.99 5.59
CA ASN C 80 25.84 14.95 7.01
C ASN C 80 24.85 16.08 7.29
N ALA C 81 25.10 17.22 6.67
CA ALA C 81 24.21 18.38 6.83
C ALA C 81 22.85 18.08 6.19
N MET C 82 22.87 17.39 5.06
CA MET C 82 21.63 17.07 4.38
C MET C 82 20.79 16.11 5.21
N ILE C 83 21.43 15.15 5.88
CA ILE C 83 20.69 14.19 6.70
C ILE C 83 20.11 14.92 7.92
N ASP C 84 20.80 15.96 8.36
CA ASP C 84 20.34 16.75 9.48
C ASP C 84 19.07 17.50 9.08
N GLU C 85 18.95 17.80 7.80
CA GLU C 85 17.79 18.52 7.30
C GLU C 85 16.64 17.59 6.90
N GLY C 86 16.76 16.31 7.24
CA GLY C 86 15.70 15.37 6.93
C GLY C 86 15.92 14.49 5.71
N GLY C 87 17.05 14.65 5.03
CA GLY C 87 17.30 13.85 3.87
C GLY C 87 17.54 12.40 4.23
N ASN C 88 17.23 11.49 3.31
CA ASN C 88 17.45 10.07 3.55
C ASN C 88 18.51 9.59 2.59
N VAL C 89 19.47 8.84 3.11
CA VAL C 89 20.56 8.31 2.33
C VAL C 89 20.15 7.68 0.98
N TYR C 90 19.08 6.90 0.97
CA TYR C 90 18.62 6.27 -0.27
C TYR C 90 18.06 7.25 -1.28
N PHE C 91 17.42 8.31 -0.79
CA PHE C 91 16.88 9.34 -1.67
C PHE C 91 18.06 10.14 -2.22
N LEU C 92 18.96 10.50 -1.31
CA LEU C 92 20.14 11.29 -1.66
C LEU C 92 21.14 10.56 -2.57
N SER C 93 21.06 9.24 -2.63
CA SER C 93 21.95 8.49 -3.49
C SER C 93 21.75 8.94 -4.92
N LYS C 94 20.57 9.48 -5.20
CA LYS C 94 20.24 9.98 -6.54
C LYS C 94 21.12 11.19 -6.83
N LEU C 95 21.44 11.98 -5.79
CA LEU C 95 22.28 13.16 -5.95
C LEU C 95 23.75 12.79 -6.23
N PHE C 96 24.36 12.00 -5.36
CA PHE C 96 25.75 11.66 -5.64
C PHE C 96 25.90 10.72 -6.82
N SER C 97 24.79 10.12 -7.24
CA SER C 97 24.83 9.23 -8.41
C SER C 97 24.98 10.09 -9.66
N THR C 98 24.22 11.19 -9.71
CA THR C 98 24.30 12.09 -10.86
C THR C 98 25.63 12.84 -10.82
N ASP C 99 26.28 12.82 -9.66
CA ASP C 99 27.58 13.46 -9.49
C ASP C 99 28.64 12.48 -9.99
N GLY C 100 28.25 11.19 -10.07
CA GLY C 100 29.15 10.15 -10.52
C GLY C 100 29.87 9.42 -9.39
N LYS C 101 29.48 9.69 -8.15
CA LYS C 101 30.11 9.05 -6.97
C LYS C 101 29.38 7.77 -6.55
N SER C 102 30.08 6.91 -5.82
CA SER C 102 29.51 5.65 -5.37
C SER C 102 28.95 5.76 -3.96
N PHE C 103 28.35 4.67 -3.49
CA PHE C 103 27.78 4.63 -2.15
C PHE C 103 28.93 4.68 -1.16
N GLN C 104 30.03 4.02 -1.52
CA GLN C 104 31.22 4.01 -0.66
C GLN C 104 31.75 5.42 -0.49
N PHE C 105 31.72 6.21 -1.56
CA PHE C 105 32.20 7.58 -1.47
C PHE C 105 31.39 8.37 -0.45
N ALA C 106 30.08 8.37 -0.63
CA ALA C 106 29.17 9.09 0.24
C ALA C 106 29.30 8.69 1.70
N ALA C 107 29.40 7.40 1.96
CA ALA C 107 29.51 6.91 3.33
C ALA C 107 30.79 7.39 3.98
N GLY C 108 31.91 7.16 3.31
CA GLY C 108 33.19 7.58 3.84
C GLY C 108 33.27 9.07 4.06
N SER C 109 32.66 9.84 3.16
CA SER C 109 32.69 11.29 3.25
C SER C 109 32.02 11.79 4.53
N MET C 110 31.21 10.94 5.15
CA MET C 110 30.50 11.33 6.37
C MET C 110 31.22 10.90 7.63
N THR C 111 32.39 10.28 7.48
CA THR C 111 33.17 9.85 8.63
C THR C 111 34.33 10.81 8.89
N GLY C 112 34.56 11.74 7.98
CA GLY C 112 35.65 12.67 8.17
C GLY C 112 37.00 12.04 7.81
N MET C 113 36.94 10.75 7.45
CA MET C 113 38.12 10.03 7.05
C MET C 113 38.36 10.37 5.59
N THR C 114 39.58 10.12 5.12
CA THR C 114 39.92 10.38 3.73
C THR C 114 39.44 9.17 2.93
N GLN C 115 39.10 9.37 1.67
CA GLN C 115 38.63 8.29 0.83
C GLN C 115 39.57 7.10 0.87
N GLU C 116 40.86 7.37 1.00
CA GLU C 116 41.87 6.32 1.05
C GLU C 116 41.83 5.55 2.37
N GLU C 117 41.77 6.27 3.49
CA GLU C 117 41.72 5.61 4.79
C GLU C 117 40.41 4.83 4.95
N TYR C 118 39.30 5.42 4.53
CA TYR C 118 38.03 4.72 4.66
C TYR C 118 38.09 3.39 3.92
N ALA C 119 38.68 3.40 2.73
CA ALA C 119 38.82 2.20 1.92
C ALA C 119 39.71 1.17 2.62
N GLN C 120 40.81 1.64 3.21
CA GLN C 120 41.72 0.74 3.92
C GLN C 120 41.02 0.09 5.11
N MET C 121 40.20 0.88 5.80
CA MET C 121 39.45 0.43 6.96
C MET C 121 38.49 -0.70 6.59
N MET C 122 37.80 -0.54 5.46
CA MET C 122 36.85 -1.55 5.01
C MET C 122 37.61 -2.82 4.66
N ILE C 123 38.76 -2.65 4.00
CA ILE C 123 39.61 -3.77 3.61
C ILE C 123 40.02 -4.54 4.86
N ASP C 124 40.26 -3.81 5.94
CA ASP C 124 40.69 -4.41 7.21
C ASP C 124 39.57 -5.01 8.07
N GLY C 125 38.33 -4.92 7.63
CA GLY C 125 37.24 -5.47 8.41
C GLY C 125 36.17 -4.47 8.79
N GLY C 126 36.33 -3.22 8.36
CA GLY C 126 35.34 -2.19 8.67
C GLY C 126 35.44 -1.64 10.07
N ARG C 127 34.53 -0.73 10.41
CA ARG C 127 34.51 -0.12 11.73
C ARG C 127 33.94 -1.10 12.75
N SER C 128 34.63 -1.26 13.88
CA SER C 128 34.17 -2.18 14.92
C SER C 128 33.01 -1.59 15.71
N PRO C 129 32.01 -2.43 16.02
CA PRO C 129 30.85 -1.94 16.79
C PRO C 129 31.21 -1.61 18.25
N ALA C 130 32.27 -2.26 18.74
CA ALA C 130 32.74 -2.06 20.10
C ALA C 130 32.89 -0.57 20.46
N GLY C 131 32.09 -0.12 21.41
CA GLY C 131 32.17 1.26 21.83
C GLY C 131 31.24 2.22 21.09
N VAL C 132 30.60 1.76 20.03
CA VAL C 132 29.70 2.64 19.28
C VAL C 132 28.27 2.09 19.16
N ARG C 133 27.82 1.42 20.22
CA ARG C 133 26.48 0.85 20.22
C ARG C 133 25.50 1.62 21.10
N SER C 134 25.93 2.01 22.29
CA SER C 134 25.07 2.73 23.21
C SER C 134 25.77 3.97 23.77
N ILE C 135 25.05 5.09 23.80
CA ILE C 135 25.61 6.33 24.31
C ILE C 135 25.60 6.38 25.82
N LYS C 136 24.56 5.82 26.43
CA LYS C 136 24.44 5.80 27.88
C LYS C 136 25.13 4.57 28.49
N GLY C 137 25.34 3.54 27.69
CA GLY C 137 25.97 2.33 28.18
C GLY C 137 27.47 2.31 27.90
N GLY C 138 27.90 3.16 26.98
CA GLY C 138 29.32 3.25 26.64
C GLY C 138 29.92 2.05 25.92
N TYR C 139 29.08 1.15 25.41
CA TYR C 139 29.62 -0.01 24.70
C TYR C 139 29.32 0.07 23.21
N ALA D 2 3.67 -24.56 -7.72
CA ALA D 2 2.90 -25.15 -6.60
C ALA D 2 3.86 -25.69 -5.55
N ARG D 3 5.14 -25.40 -5.75
CA ARG D 3 6.17 -25.86 -4.82
C ARG D 3 7.31 -24.87 -4.56
N VAL D 4 7.59 -24.61 -3.28
CA VAL D 4 8.69 -23.74 -2.91
C VAL D 4 9.83 -24.70 -2.61
N THR D 5 10.66 -24.97 -3.61
CA THR D 5 11.77 -25.90 -3.52
C THR D 5 12.99 -25.40 -2.75
N THR D 6 13.33 -24.13 -2.91
CA THR D 6 14.49 -23.62 -2.23
C THR D 6 14.43 -22.14 -1.84
N GLY D 7 15.21 -21.79 -0.84
CA GLY D 7 15.28 -20.43 -0.37
C GLY D 7 16.71 -19.97 -0.57
N ILE D 8 16.89 -18.80 -1.16
CA ILE D 8 18.22 -18.26 -1.42
C ILE D 8 18.24 -16.84 -0.90
N THR D 9 19.36 -16.42 -0.34
CA THR D 9 19.54 -15.05 0.11
C THR D 9 20.79 -14.55 -0.60
N SER D 10 20.87 -13.25 -0.80
CA SER D 10 22.02 -12.69 -1.49
C SER D 10 22.06 -11.20 -1.27
N SER D 11 23.21 -10.61 -1.53
CA SER D 11 23.40 -9.19 -1.40
C SER D 11 22.75 -8.57 -2.65
N HIS D 12 22.42 -7.29 -2.60
CA HIS D 12 21.85 -6.64 -3.76
C HIS D 12 22.38 -5.22 -3.92
N ILE D 13 23.55 -4.97 -3.33
CA ILE D 13 24.16 -3.65 -3.42
C ILE D 13 24.47 -3.29 -4.86
N PRO D 14 24.33 -2.02 -5.21
CA PRO D 14 24.59 -1.55 -6.57
C PRO D 14 26.02 -1.72 -7.08
N ALA D 15 26.99 -1.67 -6.16
CA ALA D 15 28.39 -1.82 -6.50
C ALA D 15 28.66 -3.11 -7.29
N LEU D 16 27.95 -4.18 -6.94
CA LEU D 16 28.12 -5.45 -7.61
C LEU D 16 27.68 -5.29 -9.06
N GLY D 17 26.62 -4.50 -9.25
CA GLY D 17 26.10 -4.26 -10.58
C GLY D 17 27.06 -3.41 -11.38
N ALA D 18 27.70 -2.45 -10.72
CA ALA D 18 28.66 -1.55 -11.38
C ALA D 18 29.94 -2.30 -11.72
N ALA D 19 30.34 -3.25 -10.87
CA ALA D 19 31.54 -4.05 -11.13
C ALA D 19 31.33 -4.78 -12.45
N ILE D 20 30.20 -5.47 -12.56
CA ILE D 20 29.86 -6.21 -13.77
C ILE D 20 29.94 -5.31 -15.00
N GLN D 21 29.32 -4.14 -14.90
CA GLN D 21 29.30 -3.18 -15.99
C GLN D 21 30.67 -2.70 -16.44
N THR D 22 31.49 -2.29 -15.48
CA THR D 22 32.83 -1.80 -15.79
C THR D 22 33.85 -2.92 -15.94
N GLY D 23 33.37 -4.14 -16.14
CA GLY D 23 34.27 -5.27 -16.30
C GLY D 23 35.39 -5.33 -15.29
N THR D 24 35.11 -4.91 -14.06
CA THR D 24 36.10 -4.93 -12.99
C THR D 24 35.81 -6.06 -12.00
N SER D 25 34.85 -6.92 -12.37
CA SER D 25 34.43 -8.03 -11.53
C SER D 25 35.53 -9.06 -11.25
N ASP D 26 36.63 -8.94 -11.98
CA ASP D 26 37.73 -9.88 -11.82
C ASP D 26 38.96 -9.26 -11.19
N ASN D 27 38.88 -7.96 -10.87
CA ASN D 27 40.03 -7.31 -10.25
C ASN D 27 40.34 -7.93 -8.91
N ASP D 28 41.39 -7.45 -8.25
CA ASP D 28 41.80 -7.98 -6.94
C ASP D 28 40.74 -7.84 -5.85
N TYR D 29 39.94 -6.78 -5.95
CA TYR D 29 38.90 -6.51 -4.96
C TYR D 29 37.65 -7.36 -5.12
N TRP D 30 37.07 -7.33 -6.32
CA TRP D 30 35.84 -8.05 -6.63
C TRP D 30 35.94 -9.55 -6.93
N GLY D 31 37.09 -9.97 -7.47
CA GLY D 31 37.28 -11.37 -7.81
C GLY D 31 36.83 -12.35 -6.73
N PRO D 32 37.26 -12.18 -5.47
CA PRO D 32 36.87 -13.10 -4.40
C PRO D 32 35.36 -13.19 -4.23
N VAL D 33 34.69 -12.05 -4.38
CA VAL D 33 33.25 -11.96 -4.26
C VAL D 33 32.55 -12.78 -5.34
N PHE D 34 32.89 -12.51 -6.59
CA PHE D 34 32.27 -13.22 -7.70
C PHE D 34 32.66 -14.71 -7.70
N LYS D 35 33.79 -15.01 -7.11
CA LYS D 35 34.25 -16.40 -7.01
C LYS D 35 33.26 -17.13 -6.11
N GLY D 36 32.82 -16.45 -5.05
CA GLY D 36 31.87 -17.05 -4.12
C GLY D 36 30.49 -17.38 -4.68
N TYR D 37 30.08 -16.66 -5.73
CA TYR D 37 28.77 -16.88 -6.33
C TYR D 37 28.80 -17.93 -7.45
N GLN D 38 30.01 -18.27 -7.88
CA GLN D 38 30.18 -19.26 -8.93
C GLN D 38 29.47 -20.56 -8.60
N PRO D 39 29.68 -21.12 -7.40
CA PRO D 39 29.01 -22.37 -7.03
C PRO D 39 27.49 -22.27 -7.16
N ILE D 40 26.93 -21.11 -6.84
CA ILE D 40 25.48 -20.90 -6.94
C ILE D 40 25.07 -20.84 -8.41
N ARG D 41 25.82 -20.06 -9.18
CA ARG D 41 25.54 -19.92 -10.61
C ARG D 41 25.51 -21.30 -11.28
N ASP D 42 26.46 -22.15 -10.91
CA ASP D 42 26.55 -23.50 -11.46
C ASP D 42 25.43 -24.39 -10.97
N TRP D 43 25.20 -24.38 -9.66
CA TRP D 43 24.14 -25.18 -9.05
C TRP D 43 22.79 -24.94 -9.71
N ILE D 44 22.33 -23.70 -9.63
CA ILE D 44 21.03 -23.31 -10.17
C ILE D 44 20.84 -23.63 -11.64
N LYS D 45 21.90 -23.50 -12.44
CA LYS D 45 21.78 -23.75 -13.87
C LYS D 45 21.68 -25.25 -14.17
N GLN D 46 22.10 -26.08 -13.23
CA GLN D 46 22.04 -27.52 -13.42
C GLN D 46 20.61 -27.93 -13.76
N PRO D 47 20.45 -29.09 -14.42
CA PRO D 47 19.12 -29.58 -14.80
C PRO D 47 18.23 -29.83 -13.60
N GLY D 48 17.07 -29.17 -13.57
CA GLY D 48 16.15 -29.36 -12.46
C GLY D 48 16.35 -28.45 -11.26
N ASN D 49 17.33 -27.55 -11.34
CA ASN D 49 17.59 -26.62 -10.24
C ASN D 49 17.04 -25.25 -10.61
N MET D 50 16.94 -25.01 -11.91
CA MET D 50 16.42 -23.75 -12.41
C MET D 50 14.96 -23.63 -12.00
N PRO D 51 14.60 -22.57 -11.27
CA PRO D 51 13.21 -22.42 -10.86
C PRO D 51 12.37 -21.90 -12.02
N ASP D 52 11.06 -22.09 -11.92
CA ASP D 52 10.15 -21.59 -12.94
C ASP D 52 9.90 -20.14 -12.60
N VAL D 53 9.68 -19.88 -11.32
CA VAL D 53 9.43 -18.53 -10.85
C VAL D 53 10.24 -18.24 -9.60
N VAL D 54 10.59 -16.96 -9.44
CA VAL D 54 11.35 -16.49 -8.30
C VAL D 54 10.57 -15.35 -7.65
N ILE D 55 10.18 -15.52 -6.40
CA ILE D 55 9.51 -14.45 -5.68
C ILE D 55 10.71 -13.73 -5.05
N LEU D 56 11.06 -12.57 -5.62
CA LEU D 56 12.22 -11.83 -5.15
C LEU D 56 11.89 -10.77 -4.11
N VAL D 57 12.25 -11.04 -2.86
CA VAL D 57 12.01 -10.12 -1.76
C VAL D 57 13.15 -9.11 -1.60
N TYR D 58 12.82 -7.82 -1.68
CA TYR D 58 13.81 -6.77 -1.55
C TYR D 58 13.13 -5.50 -1.09
N ASN D 59 13.93 -4.46 -0.80
CA ASN D 59 13.38 -3.17 -0.38
C ASN D 59 13.62 -2.12 -1.45
N ASP D 60 12.56 -1.45 -1.88
CA ASP D 60 12.72 -0.41 -2.88
C ASP D 60 13.61 0.67 -2.24
N HIS D 61 14.60 1.15 -2.99
CA HIS D 61 15.51 2.16 -2.46
C HIS D 61 15.11 3.55 -2.94
N ALA D 62 13.88 3.92 -2.66
CA ALA D 62 13.36 5.23 -3.08
C ALA D 62 13.52 5.31 -4.58
N SER D 63 12.96 4.31 -5.26
CA SER D 63 13.00 4.25 -6.70
C SER D 63 11.55 4.20 -7.19
N ALA D 64 10.90 3.08 -6.96
CA ALA D 64 9.51 2.91 -7.38
C ALA D 64 8.57 3.71 -6.49
N PHE D 65 9.00 3.94 -5.26
CA PHE D 65 8.21 4.69 -4.30
C PHE D 65 8.98 5.90 -3.78
N ASP D 66 8.34 7.06 -3.77
CA ASP D 66 8.98 8.24 -3.25
C ASP D 66 8.31 8.53 -1.90
N MET D 67 8.31 9.78 -1.48
CA MET D 67 7.73 10.16 -0.19
C MET D 67 6.20 10.21 -0.15
N ASN D 68 5.57 10.15 -1.31
CA ASN D 68 4.11 10.24 -1.38
C ASN D 68 3.34 8.93 -1.16
N ILE D 69 3.96 7.80 -1.41
CA ILE D 69 3.31 6.51 -1.22
C ILE D 69 4.32 5.55 -0.64
N ILE D 70 4.09 5.13 0.60
CA ILE D 70 4.99 4.21 1.29
C ILE D 70 4.25 2.94 1.72
N PRO D 71 4.29 1.89 0.89
CA PRO D 71 3.61 0.65 1.24
C PRO D 71 4.51 -0.25 2.10
N THR D 72 3.91 -0.97 3.05
CA THR D 72 4.67 -1.86 3.91
C THR D 72 5.02 -3.13 3.12
N PHE D 73 4.02 -3.73 2.48
CA PHE D 73 4.20 -4.94 1.66
C PHE D 73 3.52 -4.73 0.31
N ALA D 74 4.27 -4.91 -0.77
CA ALA D 74 3.73 -4.75 -2.12
C ALA D 74 4.08 -5.99 -2.91
N ILE D 75 3.34 -6.24 -3.98
CA ILE D 75 3.60 -7.39 -4.82
C ILE D 75 3.38 -7.00 -6.28
N GLY D 76 4.41 -7.14 -7.10
CA GLY D 76 4.30 -6.78 -8.51
C GLY D 76 3.60 -7.84 -9.34
N CYS D 77 2.38 -7.55 -9.76
CA CYS D 77 1.61 -8.50 -10.55
C CYS D 77 1.64 -8.16 -12.03
N ALA D 78 2.57 -7.28 -12.40
CA ALA D 78 2.71 -6.86 -13.78
C ALA D 78 3.39 -7.94 -14.61
N GLU D 79 3.18 -7.89 -15.91
CA GLU D 79 3.76 -8.85 -16.83
C GLU D 79 5.24 -8.52 -17.06
N THR D 80 5.58 -7.24 -17.04
CA THR D 80 6.96 -6.81 -17.23
C THR D 80 7.35 -5.67 -16.30
N PHE D 81 8.63 -5.62 -15.93
CA PHE D 81 9.15 -4.57 -15.06
C PHE D 81 10.44 -4.02 -15.68
N LYS D 82 10.54 -2.71 -15.77
CA LYS D 82 11.70 -2.06 -16.35
C LYS D 82 12.72 -1.69 -15.28
N PRO D 83 14.01 -1.82 -15.60
CA PRO D 83 15.04 -1.46 -14.61
C PRO D 83 14.90 0.04 -14.37
N ALA D 84 15.05 0.47 -13.13
CA ALA D 84 14.91 1.88 -12.82
C ALA D 84 16.17 2.70 -13.10
N ASP D 85 15.96 4.00 -13.36
CA ASP D 85 17.08 4.91 -13.59
C ASP D 85 17.32 5.51 -12.20
N GLU D 86 18.45 5.18 -11.60
CA GLU D 86 18.77 5.66 -10.27
C GLU D 86 19.83 6.76 -10.25
N GLY D 87 20.00 7.44 -11.38
CA GLY D 87 20.98 8.51 -11.47
C GLY D 87 22.03 8.30 -12.53
N TRP D 88 22.24 7.06 -12.95
CA TRP D 88 23.22 6.73 -13.98
C TRP D 88 22.53 6.36 -15.28
N GLY D 89 21.21 6.24 -15.23
CA GLY D 89 20.47 5.83 -16.41
C GLY D 89 20.01 4.41 -16.08
N PRO D 90 19.03 3.87 -16.80
CA PRO D 90 18.59 2.50 -16.48
C PRO D 90 19.71 1.47 -16.48
N ARG D 91 19.63 0.51 -15.57
CA ARG D 91 20.63 -0.55 -15.49
C ARG D 91 20.53 -1.27 -16.84
N PRO D 92 21.68 -1.54 -17.48
CA PRO D 92 21.66 -2.22 -18.78
C PRO D 92 21.47 -3.74 -18.64
N VAL D 93 20.33 -4.15 -18.11
CA VAL D 93 20.03 -5.57 -17.95
C VAL D 93 18.67 -5.83 -18.58
N PRO D 94 18.43 -7.07 -19.03
CA PRO D 94 17.13 -7.36 -19.65
C PRO D 94 15.94 -6.99 -18.75
N ASP D 95 14.77 -6.82 -19.35
CA ASP D 95 13.56 -6.49 -18.62
C ASP D 95 13.18 -7.68 -17.76
N VAL D 96 12.57 -7.41 -16.61
CA VAL D 96 12.15 -8.48 -15.72
C VAL D 96 10.75 -8.91 -16.14
N LYS D 97 10.60 -10.20 -16.42
CA LYS D 97 9.30 -10.73 -16.81
C LYS D 97 8.68 -11.37 -15.57
N GLY D 98 7.44 -11.01 -15.28
CA GLY D 98 6.79 -11.56 -14.11
C GLY D 98 5.87 -12.72 -14.42
N HIS D 99 5.10 -13.13 -13.42
CA HIS D 99 4.15 -14.24 -13.60
C HIS D 99 2.83 -13.78 -13.00
N PRO D 100 2.05 -13.01 -13.77
CA PRO D 100 0.76 -12.49 -13.31
C PRO D 100 -0.19 -13.52 -12.70
N ASP D 101 -0.25 -14.72 -13.26
CA ASP D 101 -1.14 -15.74 -12.71
C ASP D 101 -0.80 -16.07 -11.28
N LEU D 102 0.46 -16.46 -11.05
CA LEU D 102 0.90 -16.80 -9.71
C LEU D 102 0.92 -15.55 -8.82
N ALA D 103 1.32 -14.42 -9.40
CA ALA D 103 1.39 -13.15 -8.67
C ALA D 103 0.04 -12.77 -8.09
N TRP D 104 -0.98 -12.76 -8.95
CA TRP D 104 -2.33 -12.42 -8.54
C TRP D 104 -2.90 -13.46 -7.58
N HIS D 105 -2.45 -14.69 -7.74
CA HIS D 105 -2.91 -15.76 -6.88
C HIS D 105 -2.43 -15.53 -5.45
N ILE D 106 -1.15 -15.23 -5.31
CA ILE D 106 -0.52 -14.97 -4.02
C ILE D 106 -1.12 -13.71 -3.41
N ALA D 107 -1.31 -12.68 -4.24
CA ALA D 107 -1.89 -11.44 -3.77
C ALA D 107 -3.23 -11.68 -3.09
N GLN D 108 -4.11 -12.40 -3.77
CA GLN D 108 -5.43 -12.72 -3.25
C GLN D 108 -5.38 -13.57 -1.98
N SER D 109 -4.49 -14.56 -1.98
CA SER D 109 -4.34 -15.45 -0.84
C SER D 109 -3.84 -14.72 0.40
N LEU D 110 -2.84 -13.86 0.21
CA LEU D 110 -2.27 -13.09 1.31
C LEU D 110 -3.29 -12.16 1.97
N ILE D 111 -4.12 -11.51 1.15
CA ILE D 111 -5.14 -10.62 1.69
C ILE D 111 -6.19 -11.42 2.45
N LEU D 112 -6.53 -12.61 1.93
CA LEU D 112 -7.52 -13.47 2.58
C LEU D 112 -6.89 -13.99 3.87
N ASP D 113 -5.58 -14.09 3.87
CA ASP D 113 -4.84 -14.57 5.04
C ASP D 113 -4.51 -13.42 5.97
N GLU D 114 -5.20 -12.30 5.79
CA GLU D 114 -5.05 -11.12 6.62
C GLU D 114 -3.75 -10.34 6.58
N PHE D 115 -3.25 -10.13 5.37
CA PHE D 115 -2.06 -9.31 5.16
C PHE D 115 -2.61 -8.16 4.31
N ASP D 116 -2.32 -6.93 4.72
CA ASP D 116 -2.82 -5.76 4.00
C ASP D 116 -1.93 -5.36 2.82
N MET D 117 -1.91 -6.26 1.85
CA MET D 117 -1.12 -6.13 0.64
C MET D 117 -1.44 -4.89 -0.21
N THR D 118 -0.43 -4.43 -0.94
CA THR D 118 -0.59 -3.32 -1.85
C THR D 118 -0.19 -3.96 -3.17
N ILE D 119 -1.15 -4.03 -4.09
CA ILE D 119 -0.90 -4.64 -5.39
C ILE D 119 -0.33 -3.63 -6.37
N MET D 120 0.80 -3.98 -6.97
CA MET D 120 1.43 -3.10 -7.96
C MET D 120 1.27 -3.69 -9.35
N ASN D 121 0.69 -2.92 -10.26
CA ASN D 121 0.52 -3.44 -11.62
C ASN D 121 1.43 -2.71 -12.58
N GLN D 122 2.27 -1.86 -12.02
CA GLN D 122 3.25 -1.12 -12.80
C GLN D 122 4.26 -0.56 -11.84
N MET D 123 5.51 -0.95 -12.03
CA MET D 123 6.58 -0.45 -11.17
C MET D 123 7.93 -0.81 -11.75
N ASP D 124 8.89 0.10 -11.61
CA ASP D 124 10.24 -0.16 -12.09
C ASP D 124 10.91 -0.88 -10.95
N VAL D 125 11.84 -1.76 -11.28
CA VAL D 125 12.57 -2.50 -10.26
C VAL D 125 13.99 -1.95 -10.20
N ASP D 126 14.40 -1.48 -9.03
CA ASP D 126 15.74 -0.94 -8.90
C ASP D 126 16.79 -2.03 -8.65
N HIS D 127 18.01 -1.63 -8.29
CA HIS D 127 19.09 -2.59 -8.06
C HIS D 127 18.77 -3.70 -7.06
N GLY D 128 17.93 -3.40 -6.08
CA GLY D 128 17.59 -4.40 -5.07
C GLY D 128 17.01 -5.65 -5.69
N CYS D 129 16.37 -5.50 -6.85
CA CYS D 129 15.76 -6.61 -7.53
C CYS D 129 16.60 -7.18 -8.68
N THR D 130 17.27 -6.32 -9.45
CA THR D 130 18.06 -6.81 -10.58
C THR D 130 19.49 -7.27 -10.28
N VAL D 131 20.13 -6.71 -9.25
CA VAL D 131 21.50 -7.12 -8.93
C VAL D 131 21.55 -8.61 -8.57
N PRO D 132 20.65 -9.07 -7.67
CA PRO D 132 20.70 -10.50 -7.35
C PRO D 132 20.53 -11.33 -8.63
N LEU D 133 19.71 -10.86 -9.56
CA LEU D 133 19.50 -11.57 -10.80
C LEU D 133 20.83 -11.67 -11.55
N SER D 134 21.55 -10.56 -11.64
CA SER D 134 22.84 -10.55 -12.34
C SER D 134 23.87 -11.43 -11.66
N MET D 135 23.81 -11.50 -10.33
CA MET D 135 24.76 -12.31 -9.58
C MET D 135 24.54 -13.81 -9.72
N ILE D 136 23.29 -14.25 -9.85
CA ILE D 136 22.99 -15.67 -9.94
C ILE D 136 22.75 -16.18 -11.36
N PHE D 137 22.31 -15.30 -12.26
CA PHE D 137 22.05 -15.72 -13.64
C PHE D 137 23.03 -15.12 -14.63
N GLY D 138 24.00 -14.36 -14.13
CA GLY D 138 24.99 -13.76 -15.00
C GLY D 138 24.47 -12.64 -15.87
N GLU D 139 24.86 -12.65 -17.14
CA GLU D 139 24.43 -11.63 -18.10
C GLU D 139 23.72 -12.24 -19.28
N PRO D 140 22.60 -12.95 -19.04
CA PRO D 140 21.88 -13.56 -20.16
C PRO D 140 21.24 -12.47 -21.01
N GLU D 141 20.78 -12.86 -22.19
CA GLU D 141 20.14 -11.91 -23.09
C GLU D 141 18.72 -11.72 -22.59
N GLU D 142 18.29 -12.64 -21.74
CA GLU D 142 16.98 -12.63 -21.13
C GLU D 142 17.06 -13.47 -19.88
N TRP D 143 16.42 -13.04 -18.80
CA TRP D 143 16.47 -13.81 -17.55
C TRP D 143 15.87 -15.21 -17.78
N PRO D 144 16.55 -16.25 -17.28
CA PRO D 144 16.10 -17.64 -17.42
C PRO D 144 14.76 -18.02 -16.81
N CYS D 145 14.19 -17.15 -15.99
CA CYS D 145 12.90 -17.47 -15.36
C CYS D 145 12.03 -16.23 -15.11
N LYS D 146 10.83 -16.47 -14.62
CA LYS D 146 9.90 -15.40 -14.31
C LYS D 146 10.25 -14.91 -12.92
N VAL D 147 10.06 -13.62 -12.69
CA VAL D 147 10.35 -13.05 -11.39
C VAL D 147 9.16 -12.23 -10.90
N ILE D 148 8.78 -12.45 -9.64
CA ILE D 148 7.69 -11.70 -9.06
C ILE D 148 8.31 -10.80 -8.00
N PRO D 149 8.41 -9.48 -8.28
CA PRO D 149 9.00 -8.53 -7.33
C PRO D 149 8.14 -8.41 -6.07
N PHE D 150 8.78 -8.35 -4.92
CA PHE D 150 8.07 -8.24 -3.67
C PHE D 150 8.75 -7.20 -2.78
N PRO D 151 8.49 -5.90 -3.01
CA PRO D 151 9.11 -4.84 -2.22
C PRO D 151 8.58 -4.74 -0.78
N VAL D 152 9.50 -4.54 0.16
CA VAL D 152 9.16 -4.42 1.56
C VAL D 152 9.75 -3.11 2.03
N ASN D 153 9.00 -2.37 2.84
CA ASN D 153 9.52 -1.10 3.31
C ASN D 153 10.49 -1.22 4.48
N VAL D 154 11.73 -0.79 4.27
CA VAL D 154 12.71 -0.78 5.35
C VAL D 154 13.47 0.54 5.30
N VAL D 155 12.89 1.53 4.60
CA VAL D 155 13.52 2.83 4.49
C VAL D 155 12.93 3.87 5.44
N THR D 156 11.61 3.87 5.56
CA THR D 156 10.94 4.81 6.46
C THR D 156 10.39 4.01 7.65
N TYR D 157 10.68 4.47 8.86
CA TYR D 157 10.26 3.77 10.06
C TYR D 157 8.81 3.99 10.51
N PRO D 158 8.18 2.93 11.04
CA PRO D 158 8.82 1.62 11.18
C PRO D 158 8.61 0.63 10.05
N PRO D 159 9.59 -0.25 9.84
CA PRO D 159 9.48 -1.28 8.80
C PRO D 159 8.65 -2.38 9.46
N PRO D 160 8.18 -3.38 8.69
CA PRO D 160 7.39 -4.41 9.40
C PRO D 160 8.27 -5.10 10.47
N SER D 161 7.66 -5.86 11.36
CA SER D 161 8.43 -6.53 12.40
C SER D 161 8.98 -7.88 11.91
N GLY D 162 10.07 -8.33 12.54
CA GLY D 162 10.64 -9.61 12.14
C GLY D 162 9.61 -10.70 12.27
N LYS D 163 8.75 -10.58 13.27
CA LYS D 163 7.70 -11.57 13.50
C LYS D 163 6.69 -11.54 12.33
N ARG D 164 6.36 -10.34 11.87
CA ARG D 164 5.42 -10.18 10.77
C ARG D 164 6.02 -10.75 9.49
N CYS D 165 7.30 -10.44 9.27
CA CYS D 165 8.00 -10.92 8.08
C CYS D 165 8.04 -12.45 8.05
N PHE D 166 8.36 -13.03 9.20
CA PHE D 166 8.44 -14.48 9.31
C PHE D 166 7.09 -15.11 9.00
N ALA D 167 6.01 -14.56 9.57
CA ALA D 167 4.65 -15.08 9.34
C ALA D 167 4.26 -14.93 7.88
N LEU D 168 4.68 -13.83 7.26
CA LEU D 168 4.38 -13.58 5.85
C LEU D 168 4.97 -14.65 4.95
N GLY D 169 6.18 -15.10 5.24
CA GLY D 169 6.81 -16.12 4.42
C GLY D 169 6.01 -17.42 4.36
N ASP D 170 5.50 -17.84 5.53
CA ASP D 170 4.72 -19.05 5.61
C ASP D 170 3.44 -18.91 4.80
N SER D 171 2.88 -17.71 4.80
CA SER D 171 1.67 -17.43 4.05
C SER D 171 1.96 -17.50 2.55
N ILE D 172 3.13 -17.03 2.15
CA ILE D 172 3.51 -17.06 0.75
C ILE D 172 3.65 -18.52 0.31
N ARG D 173 4.21 -19.36 1.17
CA ARG D 173 4.38 -20.77 0.84
C ARG D 173 3.03 -21.45 0.68
N ALA D 174 2.11 -21.12 1.58
CA ALA D 174 0.77 -21.69 1.52
C ALA D 174 0.12 -21.30 0.21
N ALA D 175 0.31 -20.04 -0.17
CA ALA D 175 -0.27 -19.51 -1.40
C ALA D 175 0.30 -20.24 -2.60
N VAL D 176 1.62 -20.39 -2.61
CA VAL D 176 2.30 -21.07 -3.71
C VAL D 176 1.77 -22.50 -3.82
N GLU D 177 1.69 -23.18 -2.67
CA GLU D 177 1.23 -24.56 -2.64
C GLU D 177 -0.20 -24.77 -3.13
N SER D 178 -1.03 -23.75 -3.05
CA SER D 178 -2.42 -23.88 -3.51
C SER D 178 -2.57 -23.54 -5.00
N PHE D 179 -1.49 -23.10 -5.63
CA PHE D 179 -1.54 -22.77 -7.05
C PHE D 179 -1.60 -24.09 -7.83
N PRO D 180 -2.66 -24.26 -8.65
CA PRO D 180 -2.93 -25.45 -9.47
C PRO D 180 -1.79 -26.02 -10.29
N GLU D 181 -0.86 -25.17 -10.73
CA GLU D 181 0.24 -25.64 -11.54
C GLU D 181 1.43 -26.12 -10.74
N ASP D 182 2.05 -27.20 -11.22
CA ASP D 182 3.21 -27.78 -10.55
C ASP D 182 4.47 -27.01 -10.96
N LEU D 183 4.67 -25.84 -10.36
CA LEU D 183 5.83 -24.99 -10.67
C LEU D 183 6.93 -25.14 -9.64
N ASN D 184 8.17 -24.89 -10.08
CA ASN D 184 9.32 -24.93 -9.18
C ASN D 184 9.52 -23.47 -8.78
N VAL D 185 9.03 -23.11 -7.61
CA VAL D 185 9.14 -21.73 -7.14
C VAL D 185 10.26 -21.53 -6.11
N HIS D 186 10.91 -20.37 -6.19
CA HIS D 186 12.00 -20.01 -5.31
C HIS D 186 11.62 -18.72 -4.58
N VAL D 187 12.14 -18.57 -3.36
CA VAL D 187 11.91 -17.35 -2.61
C VAL D 187 13.29 -16.85 -2.18
N TRP D 188 13.71 -15.74 -2.77
CA TRP D 188 14.99 -15.12 -2.49
C TRP D 188 14.83 -13.94 -1.53
N GLY D 189 15.60 -13.93 -0.45
CA GLY D 189 15.55 -12.82 0.49
C GLY D 189 16.83 -12.04 0.21
N THR D 190 16.72 -10.81 -0.29
CA THR D 190 17.93 -10.05 -0.59
C THR D 190 18.17 -8.83 0.30
N GLY D 191 19.43 -8.40 0.37
CA GLY D 191 19.80 -7.26 1.19
C GLY D 191 20.82 -7.64 2.25
N GLY D 192 21.29 -6.66 3.00
CA GLY D 192 22.27 -6.95 4.04
C GLY D 192 23.68 -7.16 3.53
N MET D 193 24.60 -7.59 4.39
CA MET D 193 24.29 -7.86 5.79
C MET D 193 24.52 -6.61 6.65
N SER D 194 25.38 -6.71 7.66
CA SER D 194 25.63 -5.56 8.51
C SER D 194 26.31 -4.43 7.74
N HIS D 195 25.94 -3.20 8.05
CA HIS D 195 26.51 -2.00 7.44
C HIS D 195 25.77 -0.74 7.84
N GLN D 196 26.47 0.39 7.71
CA GLN D 196 25.91 1.69 8.01
C GLN D 196 26.39 2.64 6.92
N LEU D 197 25.46 3.22 6.19
CA LEU D 197 25.78 4.13 5.09
C LEU D 197 25.87 5.58 5.55
N GLN D 198 25.34 5.86 6.74
CA GLN D 198 25.27 7.21 7.27
C GLN D 198 26.08 7.61 8.50
N GLY D 199 26.51 8.86 8.49
CA GLY D 199 27.23 9.44 9.61
C GLY D 199 28.59 8.92 10.03
N PRO D 200 29.06 9.40 11.18
CA PRO D 200 30.34 9.06 11.82
C PRO D 200 30.49 7.58 12.07
N ARG D 201 29.37 6.89 12.13
CA ARG D 201 29.37 5.45 12.40
C ARG D 201 29.35 4.61 11.12
N ALA D 202 29.37 5.27 9.97
CA ALA D 202 29.35 4.57 8.69
C ALA D 202 30.60 3.70 8.56
N GLY D 203 30.47 2.54 7.93
CA GLY D 203 31.60 1.65 7.78
C GLY D 203 31.53 0.49 8.77
N LEU D 204 30.62 0.60 9.72
CA LEU D 204 30.43 -0.44 10.73
C LEU D 204 30.13 -1.81 10.14
N ILE D 205 30.84 -2.82 10.64
CA ILE D 205 30.67 -4.20 10.22
C ILE D 205 30.66 -5.01 11.50
N ASN D 206 29.80 -6.02 11.57
CA ASN D 206 29.68 -6.88 12.74
C ASN D 206 29.58 -8.32 12.29
N LYS D 207 30.72 -8.93 12.01
CA LYS D 207 30.74 -10.32 11.54
C LYS D 207 30.13 -11.25 12.58
N GLU D 208 30.34 -10.93 13.85
CA GLU D 208 29.79 -11.72 14.94
C GLU D 208 28.28 -11.78 14.77
N PHE D 209 27.65 -10.62 14.68
CA PHE D 209 26.20 -10.52 14.50
C PHE D 209 25.75 -11.25 13.24
N ASP D 210 26.39 -10.93 12.12
CA ASP D 210 26.05 -11.54 10.83
C ASP D 210 26.14 -13.05 10.86
N LEU D 211 27.26 -13.56 11.36
CA LEU D 211 27.45 -15.00 11.42
C LEU D 211 26.39 -15.65 12.33
N ASN D 212 26.02 -14.98 13.41
CA ASN D 212 25.01 -15.51 14.31
C ASN D 212 23.64 -15.51 13.63
N PHE D 213 23.37 -14.44 12.87
CA PHE D 213 22.11 -14.34 12.15
C PHE D 213 21.95 -15.53 11.22
N ILE D 214 22.97 -15.80 10.43
CA ILE D 214 22.95 -16.92 9.49
C ILE D 214 22.67 -18.24 10.20
N ASP D 215 23.36 -18.44 11.32
CA ASP D 215 23.21 -19.65 12.11
C ASP D 215 21.79 -19.86 12.60
N LYS D 216 21.26 -18.87 13.31
CA LYS D 216 19.90 -18.93 13.86
C LYS D 216 18.82 -19.01 12.79
N LEU D 217 19.02 -18.30 11.68
CA LEU D 217 18.04 -18.29 10.59
C LEU D 217 17.81 -19.70 10.12
N ILE D 218 18.85 -20.52 10.18
CA ILE D 218 18.74 -21.91 9.75
C ILE D 218 18.13 -22.80 10.84
N SER D 219 18.74 -22.78 12.01
CA SER D 219 18.31 -23.61 13.13
C SER D 219 17.14 -23.14 13.99
N ASP D 220 17.01 -21.83 14.22
CA ASP D 220 15.92 -21.33 15.05
C ASP D 220 15.35 -20.01 14.56
N PRO D 221 14.68 -20.02 13.40
CA PRO D 221 14.10 -18.80 12.85
C PRO D 221 13.01 -18.18 13.72
N GLU D 222 12.31 -19.02 14.48
CA GLU D 222 11.23 -18.55 15.35
C GLU D 222 11.76 -17.60 16.42
N GLU D 223 12.92 -17.90 16.99
CA GLU D 223 13.50 -17.04 18.00
C GLU D 223 14.06 -15.79 17.33
N LEU D 224 14.70 -15.99 16.18
CA LEU D 224 15.29 -14.89 15.43
C LEU D 224 14.24 -13.84 15.02
N SER D 225 13.02 -14.30 14.77
CA SER D 225 11.92 -13.42 14.37
C SER D 225 11.41 -12.57 15.54
N LYS D 226 11.97 -12.79 16.72
CA LYS D 226 11.58 -12.03 17.91
C LYS D 226 12.53 -10.87 18.15
N MET D 227 13.67 -10.88 17.47
CA MET D 227 14.65 -9.81 17.60
C MET D 227 14.02 -8.50 17.18
N PRO D 228 14.02 -7.49 18.08
CA PRO D 228 13.44 -6.18 17.81
C PRO D 228 14.30 -5.30 16.90
N HIS D 229 13.66 -4.34 16.26
CA HIS D 229 14.34 -3.43 15.35
C HIS D 229 15.60 -2.82 15.96
N ILE D 230 15.46 -2.32 17.18
CA ILE D 230 16.57 -1.67 17.89
C ILE D 230 17.86 -2.47 17.90
N GLN D 231 17.76 -3.79 17.99
CA GLN D 231 18.95 -4.60 18.02
C GLN D 231 19.68 -4.63 16.68
N TYR D 232 18.93 -4.65 15.58
CA TYR D 232 19.53 -4.62 14.24
C TYR D 232 20.27 -3.29 14.09
N LEU D 233 19.59 -2.21 14.41
CA LEU D 233 20.13 -0.87 14.33
C LEU D 233 21.41 -0.71 15.16
N ARG D 234 21.40 -1.28 16.36
CA ARG D 234 22.53 -1.20 17.27
C ARG D 234 23.74 -2.04 16.86
N GLU D 235 23.49 -3.33 16.65
CA GLU D 235 24.54 -4.26 16.30
C GLU D 235 24.96 -4.36 14.83
N SER D 236 24.00 -4.30 13.92
CA SER D 236 24.29 -4.43 12.48
C SER D 236 24.28 -3.14 11.66
N GLY D 237 24.27 -1.99 12.34
CA GLY D 237 24.26 -0.72 11.63
C GLY D 237 22.85 -0.31 11.27
N SER D 238 22.62 0.99 11.08
CA SER D 238 21.28 1.45 10.76
C SER D 238 20.72 0.85 9.47
N GLU D 239 21.57 0.58 8.49
CA GLU D 239 21.10 0.01 7.22
C GLU D 239 21.06 -1.53 7.24
N GLY D 240 21.62 -2.12 8.29
CA GLY D 240 21.63 -3.56 8.42
C GLY D 240 20.26 -4.12 8.73
N VAL D 241 19.27 -3.24 8.93
CA VAL D 241 17.91 -3.66 9.22
C VAL D 241 17.29 -4.41 8.04
N GLU D 242 17.95 -4.37 6.88
CA GLU D 242 17.47 -5.04 5.68
C GLU D 242 17.34 -6.54 5.92
N LEU D 243 18.15 -7.05 6.83
CA LEU D 243 18.14 -8.48 7.16
C LEU D 243 16.77 -9.04 7.54
N VAL D 244 15.86 -8.21 8.06
CA VAL D 244 14.54 -8.73 8.42
C VAL D 244 13.88 -9.39 7.23
N MET D 245 14.18 -8.87 6.04
CA MET D 245 13.60 -9.40 4.82
C MET D 245 14.00 -10.86 4.61
N TRP D 246 15.09 -11.27 5.26
CA TRP D 246 15.56 -12.64 5.13
C TRP D 246 14.59 -13.61 5.82
N LEU D 247 13.89 -13.12 6.84
CA LEU D 247 12.92 -13.94 7.56
C LEU D 247 11.73 -14.30 6.68
N ILE D 248 11.50 -13.49 5.64
CA ILE D 248 10.39 -13.76 4.75
C ILE D 248 10.74 -14.99 3.92
N MET D 249 11.98 -15.05 3.45
CA MET D 249 12.43 -16.20 2.68
C MET D 249 12.42 -17.43 3.57
N ARG D 250 12.99 -17.29 4.77
CA ARG D 250 13.07 -18.38 5.72
C ARG D 250 11.69 -18.91 6.13
N GLY D 251 10.74 -18.02 6.37
CA GLY D 251 9.42 -18.45 6.76
C GLY D 251 8.69 -19.28 5.71
N ALA D 252 9.13 -19.18 4.45
CA ALA D 252 8.49 -19.92 3.37
C ALA D 252 9.02 -21.34 3.25
N LEU D 253 9.99 -21.67 4.09
CA LEU D 253 10.59 -23.01 4.10
C LEU D 253 10.16 -23.72 5.38
N PRO D 254 10.05 -25.06 5.34
CA PRO D 254 9.67 -25.82 6.54
C PRO D 254 10.61 -25.67 7.72
N GLU D 255 10.27 -26.33 8.82
CA GLU D 255 11.06 -26.28 10.03
C GLU D 255 12.46 -26.85 9.83
N LYS D 256 12.54 -27.94 9.09
CA LYS D 256 13.83 -28.58 8.84
C LYS D 256 14.36 -28.28 7.45
N VAL D 257 15.44 -27.49 7.37
CA VAL D 257 16.04 -27.15 6.10
C VAL D 257 17.49 -27.60 6.08
N ARG D 258 18.02 -27.80 4.89
CA ARG D 258 19.41 -28.20 4.74
C ARG D 258 20.14 -27.09 4.01
N ASP D 259 21.21 -26.59 4.59
CA ASP D 259 21.99 -25.53 3.96
C ASP D 259 22.97 -26.13 2.97
N LEU D 260 22.72 -25.91 1.69
CA LEU D 260 23.58 -26.44 0.64
C LEU D 260 24.83 -25.62 0.42
N TYR D 261 24.76 -24.33 0.71
CA TYR D 261 25.90 -23.46 0.49
C TYR D 261 25.79 -22.16 1.28
N THR D 262 26.94 -21.64 1.71
CA THR D 262 27.01 -20.40 2.48
C THR D 262 28.30 -19.67 2.15
N PHE D 263 28.19 -18.40 1.79
CA PHE D 263 29.36 -17.58 1.46
C PHE D 263 29.24 -16.26 2.23
N TYR D 264 30.29 -15.90 2.96
CA TYR D 264 30.30 -14.66 3.72
C TYR D 264 31.61 -13.98 3.41
N HIS D 265 31.54 -12.69 3.08
CA HIS D 265 32.74 -11.96 2.72
C HIS D 265 32.74 -10.52 3.18
N ILE D 266 33.91 -10.06 3.62
CA ILE D 266 34.09 -8.67 4.06
C ILE D 266 35.35 -8.11 3.38
N PRO D 267 35.25 -6.95 2.73
CA PRO D 267 34.06 -6.12 2.57
C PRO D 267 33.54 -6.18 1.13
N ALA D 268 32.36 -5.60 0.92
CA ALA D 268 31.74 -5.52 -0.40
C ALA D 268 31.16 -4.12 -0.33
N SER D 269 31.97 -3.13 -0.73
CA SER D 269 31.61 -1.73 -0.68
C SER D 269 31.57 -1.34 0.81
N ASN D 270 30.40 -0.99 1.32
CA ASN D 270 30.27 -0.61 2.73
C ASN D 270 29.75 -1.77 3.56
N THR D 271 29.48 -2.89 2.91
CA THR D 271 28.89 -4.03 3.60
C THR D 271 29.67 -5.32 3.76
N ALA D 272 29.06 -6.23 4.50
CA ALA D 272 29.56 -7.57 4.75
C ALA D 272 28.60 -8.37 3.87
N LEU D 273 29.12 -9.05 2.86
CA LEU D 273 28.26 -9.80 1.94
C LEU D 273 27.91 -11.21 2.38
N GLY D 274 26.64 -11.57 2.20
CA GLY D 274 26.18 -12.89 2.56
C GLY D 274 25.33 -13.54 1.48
N ALA D 275 25.49 -14.83 1.29
CA ALA D 275 24.73 -15.56 0.27
C ALA D 275 24.64 -17.05 0.64
N MET D 276 23.44 -17.63 0.53
CA MET D 276 23.26 -19.04 0.87
C MET D 276 22.10 -19.69 0.16
N ILE D 277 22.11 -21.03 0.12
CA ILE D 277 21.05 -21.82 -0.50
C ILE D 277 20.52 -22.76 0.57
N LEU D 278 19.22 -22.66 0.84
CA LEU D 278 18.58 -23.50 1.82
C LEU D 278 17.52 -24.32 1.12
N GLN D 279 17.25 -25.51 1.63
CA GLN D 279 16.24 -26.36 1.03
C GLN D 279 15.58 -27.21 2.12
N PRO D 280 14.28 -27.52 1.95
CA PRO D 280 13.60 -28.34 2.95
C PRO D 280 14.42 -29.61 3.12
N GLU D 281 14.79 -29.92 4.36
CA GLU D 281 15.58 -31.12 4.64
C GLU D 281 15.06 -32.33 3.88
N GLU D 282 13.74 -32.47 3.88
CA GLU D 282 13.05 -33.57 3.23
C GLU D 282 13.41 -33.82 1.78
N THR D 283 13.58 -32.74 1.01
CA THR D 283 13.90 -32.89 -0.40
C THR D 283 15.20 -32.20 -0.78
N ALA D 284 15.96 -31.79 0.24
CA ALA D 284 17.22 -31.11 0.01
C ALA D 284 18.16 -31.91 -0.87
N GLY D 285 18.84 -31.23 -1.77
CA GLY D 285 19.80 -31.90 -2.63
C GLY D 285 21.05 -32.12 -1.82
N THR D 286 22.14 -32.48 -2.47
CA THR D 286 23.40 -32.70 -1.75
C THR D 286 24.13 -31.38 -1.57
N PRO D 287 24.62 -31.11 -0.34
CA PRO D 287 25.33 -29.87 -0.09
C PRO D 287 26.47 -29.67 -1.09
N LEU D 288 26.93 -28.43 -1.23
CA LEU D 288 28.02 -28.13 -2.15
C LEU D 288 29.35 -28.34 -1.43
N GLU D 289 30.43 -28.45 -2.21
CA GLU D 289 31.76 -28.67 -1.64
C GLU D 289 32.75 -27.61 -2.19
N PRO D 290 33.23 -26.69 -1.33
CA PRO D 290 32.91 -26.58 0.10
C PRO D 290 31.49 -26.07 0.37
N ARG D 291 30.91 -26.52 1.47
CA ARG D 291 29.56 -26.14 1.86
C ARG D 291 29.52 -24.77 2.53
N LYS D 292 30.66 -24.36 3.09
CA LYS D 292 30.77 -23.07 3.78
C LYS D 292 32.09 -22.39 3.41
N VAL D 293 32.04 -21.10 3.11
CA VAL D 293 33.24 -20.36 2.74
C VAL D 293 33.24 -18.94 3.31
N MET D 294 34.39 -18.48 3.79
CA MET D 294 34.49 -17.14 4.36
C MET D 294 35.71 -16.41 3.81
N SER D 295 35.46 -15.39 2.97
CA SER D 295 36.54 -14.62 2.39
C SER D 295 36.72 -13.27 3.09
N GLY D 296 37.77 -12.55 2.70
CA GLY D 296 38.03 -11.26 3.31
C GLY D 296 39.34 -11.22 4.04
N HIS D 297 40.09 -10.14 3.85
CA HIS D 297 41.38 -9.93 4.49
C HIS D 297 41.24 -10.07 6.00
N SER D 298 40.05 -9.75 6.51
CA SER D 298 39.77 -9.80 7.94
C SER D 298 39.24 -11.14 8.46
N LEU D 299 39.09 -12.11 7.55
CA LEU D 299 38.59 -13.42 7.95
C LEU D 299 39.59 -14.53 7.64
#